data_7EYR
#
_entry.id   7EYR
#
_cell.length_a   49.570
_cell.length_b   72.704
_cell.length_c   78.985
_cell.angle_alpha   82.083
_cell.angle_beta   84.949
_cell.angle_gamma   70.128
#
_symmetry.space_group_name_H-M   'P 1'
#
loop_
_entity.id
_entity.type
_entity.pdbx_description
1 polymer '2-oxoglutarate/Fe(II)-dependent dioxygenase SptF'
2 non-polymer 'FE (II) ION'
3 water water
#
_entity_poly.entity_id   1
_entity_poly.type   'polypeptide(L)'
_entity_poly.pdbx_seq_one_letter_code
;MPQLHYVPYDTPVEDVMRILKESGTLVIRNFLDQNTVQKVQDEVDDYVRNWNPGPKYNHDIKNVGSKTKQPSNLSLMSKT
YRCEVLNHPWMHAICERMFGPTYGDYWFNGGSILHLEPGENTQPIHQDHVFYQISKWRRPTDPDLTINFTMALTEFTVEN
GGTRVCPGSHLWENGHASPAEEDMVPVLMQPGDALILPGSMWHSAGANRTSEYRRGFATSFHPCHFTPIESHHHLPREMV
EEMTPLVQKMLGFRTLNLHNNVKVWKAGEGNLEDATGLKSVAAKLAAALEHHHHHH
;
_entity_poly.pdbx_strand_id   C,A,B,D
#
loop_
_chem_comp.id
_chem_comp.type
_chem_comp.name
_chem_comp.formula
FE2 non-polymer 'FE (II) ION' 'Fe 2'
#
# COMPACT_ATOMS: atom_id res chain seq x y z
N LEU A 4 5.04 3.24 16.16
CA LEU A 4 6.18 2.97 15.31
C LEU A 4 5.81 2.04 14.16
N HIS A 5 6.15 2.46 12.94
CA HIS A 5 5.79 1.73 11.72
C HIS A 5 7.04 1.14 11.09
N TYR A 6 6.95 -0.12 10.67
CA TYR A 6 7.97 -0.77 9.85
C TYR A 6 7.38 -0.99 8.46
N VAL A 7 8.02 -0.40 7.45
CA VAL A 7 7.46 -0.42 6.10
C VAL A 7 8.47 -1.03 5.12
N PRO A 8 8.01 -1.65 4.04
CA PRO A 8 8.95 -2.20 3.05
C PRO A 8 9.59 -1.10 2.22
N TYR A 9 10.63 -1.49 1.49
CA TYR A 9 11.38 -0.54 0.67
C TYR A 9 10.49 0.12 -0.37
N ASP A 10 9.54 -0.63 -0.94
CA ASP A 10 8.72 -0.14 -2.03
C ASP A 10 7.46 0.59 -1.56
N THR A 11 7.46 1.08 -0.32
CA THR A 11 6.35 1.87 0.15
C THR A 11 6.25 3.17 -0.66
N PRO A 12 5.04 3.57 -1.07
CA PRO A 12 4.91 4.86 -1.77
C PRO A 12 5.41 6.01 -0.92
N VAL A 13 6.05 6.98 -1.58
CA VAL A 13 6.69 8.09 -0.87
C VAL A 13 5.67 8.87 -0.05
N GLU A 14 4.47 9.07 -0.61
CA GLU A 14 3.45 9.82 0.12
C GLU A 14 3.05 9.12 1.42
N ASP A 15 3.04 7.78 1.42
CA ASP A 15 2.73 7.06 2.66
C ASP A 15 3.80 7.29 3.72
N VAL A 16 5.06 7.31 3.31
CA VAL A 16 6.15 7.52 4.26
C VAL A 16 6.06 8.93 4.85
N MET A 17 5.85 9.93 4.01
CA MET A 17 5.68 11.29 4.52
C MET A 17 4.43 11.41 5.38
N ARG A 18 3.38 10.66 5.04
CA ARG A 18 2.18 10.62 5.88
C ARG A 18 2.49 10.10 7.27
N ILE A 19 3.22 8.98 7.34
CA ILE A 19 3.57 8.41 8.64
C ILE A 19 4.52 9.33 9.39
N LEU A 20 5.49 9.92 8.69
CA LEU A 20 6.38 10.90 9.31
C LEU A 20 5.60 12.07 9.91
N LYS A 21 4.54 12.49 9.24
CA LYS A 21 3.71 13.56 9.78
C LYS A 21 2.96 13.11 11.02
N GLU A 22 2.38 11.91 10.99
CA GLU A 22 1.55 11.45 12.10
C GLU A 22 2.41 11.03 13.30
N SER A 23 3.32 10.08 13.10
CA SER A 23 4.05 9.49 14.22
C SER A 23 5.44 10.09 14.42
N GLY A 24 6.00 10.77 13.43
CA GLY A 24 7.27 11.45 13.60
C GLY A 24 8.50 10.60 13.38
N THR A 25 8.34 9.33 13.01
CA THR A 25 9.47 8.43 12.76
C THR A 25 8.91 7.17 12.12
N LEU A 26 9.81 6.39 11.53
CA LEU A 26 9.47 5.09 10.97
C LEU A 26 10.76 4.38 10.59
N VAL A 27 10.62 3.10 10.25
CA VAL A 27 11.74 2.28 9.79
C VAL A 27 11.43 1.80 8.38
N ILE A 28 12.37 1.99 7.47
CA ILE A 28 12.29 1.47 6.11
C ILE A 28 13.15 0.23 6.08
N ARG A 29 12.53 -0.94 6.17
CA ARG A 29 13.26 -2.19 6.11
C ARG A 29 13.93 -2.35 4.75
N ASN A 30 15.11 -2.96 4.76
CA ASN A 30 15.91 -3.16 3.55
C ASN A 30 16.23 -1.82 2.87
N PHE A 31 16.36 -0.77 3.67
CA PHE A 31 16.76 0.54 3.16
C PHE A 31 18.04 0.43 2.33
N LEU A 32 19.00 -0.35 2.81
CA LEU A 32 20.20 -0.69 2.07
C LEU A 32 20.39 -2.20 2.10
N ASP A 33 21.08 -2.73 1.10
CA ASP A 33 21.50 -4.11 1.16
C ASP A 33 22.64 -4.25 2.17
N GLN A 34 22.71 -5.42 2.80
CA GLN A 34 23.78 -5.67 3.77
C GLN A 34 25.15 -5.50 3.14
N ASN A 35 25.27 -5.80 1.85
CA ASN A 35 26.49 -5.55 1.11
C ASN A 35 27.02 -4.14 1.33
N THR A 36 26.16 -3.14 1.13
CA THR A 36 26.61 -1.76 1.12
C THR A 36 27.05 -1.29 2.50
N VAL A 37 26.26 -1.60 3.53
N VAL A 37 26.27 -1.61 3.52
CA VAL A 37 26.58 -1.17 4.89
CA VAL A 37 26.59 -1.17 4.87
C VAL A 37 27.85 -1.85 5.39
C VAL A 37 27.88 -1.83 5.36
N GLN A 38 28.10 -3.09 4.99
CA GLN A 38 29.33 -3.76 5.35
C GLN A 38 30.53 -3.16 4.64
N LYS A 39 30.33 -2.72 3.38
CA LYS A 39 31.43 -2.11 2.64
C LYS A 39 31.87 -0.79 3.26
N VAL A 40 30.92 -0.03 3.80
CA VAL A 40 31.27 1.23 4.49
C VAL A 40 32.14 0.93 5.70
N GLN A 41 31.74 -0.06 6.50
CA GLN A 41 32.55 -0.44 7.66
C GLN A 41 33.94 -0.92 7.23
N ASP A 42 34.02 -1.70 6.16
CA ASP A 42 35.31 -2.20 5.69
C ASP A 42 36.21 -1.05 5.25
N GLU A 43 35.65 -0.09 4.51
CA GLU A 43 36.45 1.04 4.05
C GLU A 43 36.88 1.93 5.20
N VAL A 44 36.06 2.04 6.25
CA VAL A 44 36.46 2.82 7.42
C VAL A 44 37.61 2.12 8.14
N ASP A 45 37.55 0.79 8.28
CA ASP A 45 38.65 0.06 8.89
C ASP A 45 39.93 0.23 8.11
N ASP A 46 39.85 0.19 6.78
CA ASP A 46 41.03 0.36 5.94
C ASP A 46 41.59 1.77 6.00
N TYR A 47 40.79 2.75 6.40
CA TYR A 47 41.31 4.10 6.53
C TYR A 47 42.00 4.31 7.87
N VAL A 48 41.35 3.91 8.97
CA VAL A 48 41.89 4.19 10.29
C VAL A 48 43.10 3.31 10.58
N ARG A 49 43.12 2.08 10.04
CA ARG A 49 44.26 1.17 10.18
C ARG A 49 44.73 1.03 11.62
N ASN A 50 43.78 0.77 12.51
CA ASN A 50 44.13 0.58 13.91
C ASN A 50 44.90 -0.72 14.09
N TRP A 51 45.95 -0.68 14.92
CA TRP A 51 46.75 -1.86 15.17
C TRP A 51 45.96 -2.87 16.00
N ASN A 52 45.86 -4.09 15.50
CA ASN A 52 45.26 -5.19 16.24
C ASN A 52 46.32 -6.25 16.48
N PRO A 53 46.70 -6.52 17.72
CA PRO A 53 47.81 -7.45 17.97
C PRO A 53 47.42 -8.87 17.61
N GLY A 54 48.38 -9.62 17.07
CA GLY A 54 48.21 -11.03 16.88
C GLY A 54 48.21 -11.76 18.21
N PRO A 55 48.15 -13.09 18.14
CA PRO A 55 48.15 -13.88 19.38
C PRO A 55 49.50 -13.96 20.06
N LYS A 56 50.60 -13.74 19.34
CA LYS A 56 51.93 -13.81 19.92
C LYS A 56 52.77 -12.65 19.39
N TYR A 57 53.78 -12.28 20.18
CA TYR A 57 54.71 -11.24 19.76
C TYR A 57 55.44 -11.66 18.49
N ASN A 58 55.65 -10.70 17.60
CA ASN A 58 56.40 -10.95 16.37
C ASN A 58 56.98 -9.66 15.80
N THR A 68 48.28 4.31 10.96
CA THR A 68 47.08 4.59 11.72
C THR A 68 46.68 6.06 11.59
N LYS A 69 45.39 6.31 11.31
CA LYS A 69 44.86 7.65 11.26
C LYS A 69 43.62 7.75 12.14
N GLN A 70 43.42 8.93 12.71
CA GLN A 70 42.19 9.19 13.44
C GLN A 70 41.01 9.25 12.46
N PRO A 71 39.82 8.82 12.88
CA PRO A 71 38.67 8.84 11.96
C PRO A 71 38.34 10.25 11.52
N SER A 72 37.99 10.38 10.23
CA SER A 72 37.58 11.66 9.67
C SER A 72 36.15 11.55 9.15
N ASN A 73 35.79 12.42 8.20
CA ASN A 73 34.45 12.38 7.63
C ASN A 73 34.20 11.03 6.94
N LEU A 74 32.99 10.50 7.12
CA LEU A 74 32.63 9.25 6.45
C LEU A 74 32.75 9.35 4.94
N SER A 75 32.49 10.54 4.38
CA SER A 75 32.65 10.73 2.95
C SER A 75 34.12 10.65 2.54
N LEU A 76 35.03 10.96 3.45
CA LEU A 76 36.46 10.85 3.16
C LEU A 76 36.96 9.42 3.32
N MET A 77 36.59 8.76 4.43
CA MET A 77 37.09 7.42 4.70
C MET A 77 36.48 6.35 3.82
N SER A 78 35.28 6.57 3.27
CA SER A 78 34.53 5.52 2.60
C SER A 78 34.08 5.98 1.23
N LYS A 79 34.63 5.35 0.19
CA LYS A 79 34.18 5.62 -1.18
C LYS A 79 32.72 5.23 -1.36
N THR A 80 32.30 4.10 -0.78
CA THR A 80 30.92 3.66 -0.90
C THR A 80 29.96 4.67 -0.28
N TYR A 81 30.36 5.29 0.83
CA TYR A 81 29.52 6.28 1.49
C TYR A 81 29.30 7.50 0.59
N ARG A 82 30.37 8.01 -0.03
CA ARG A 82 30.25 9.23 -0.82
C ARG A 82 29.76 8.99 -2.23
N CYS A 83 29.74 7.74 -2.70
CA CYS A 83 29.30 7.44 -4.07
C CYS A 83 27.92 6.81 -4.12
N GLU A 84 27.59 5.91 -3.19
CA GLU A 84 26.30 5.23 -3.19
C GLU A 84 25.38 5.75 -2.09
N VAL A 85 25.83 5.73 -0.84
CA VAL A 85 24.95 6.05 0.28
C VAL A 85 24.39 7.45 0.15
N LEU A 86 25.25 8.43 -0.16
CA LEU A 86 24.79 9.81 -0.24
C LEU A 86 23.92 10.08 -1.45
N ASN A 87 23.85 9.14 -2.40
CA ASN A 87 22.95 9.23 -3.54
C ASN A 87 21.65 8.46 -3.33
N HIS A 88 21.40 8.00 -2.11
CA HIS A 88 20.25 7.13 -1.83
C HIS A 88 18.95 7.83 -2.20
N PRO A 89 18.17 7.31 -3.15
CA PRO A 89 16.96 8.01 -3.58
C PRO A 89 15.94 8.21 -2.46
N TRP A 90 15.91 7.32 -1.47
CA TRP A 90 14.98 7.51 -0.36
C TRP A 90 15.36 8.71 0.49
N MET A 91 16.66 8.93 0.67
CA MET A 91 17.12 10.10 1.42
C MET A 91 16.68 11.39 0.75
N HIS A 92 16.87 11.47 -0.56
CA HIS A 92 16.58 12.72 -1.27
C HIS A 92 15.09 12.90 -1.54
N ALA A 93 14.33 11.81 -1.66
CA ALA A 93 12.88 11.94 -1.79
C ALA A 93 12.28 12.54 -0.53
N ILE A 94 12.72 12.06 0.64
CA ILE A 94 12.20 12.58 1.89
C ILE A 94 12.72 13.99 2.15
N CYS A 95 14.00 14.23 1.85
CA CYS A 95 14.57 15.55 2.09
C CYS A 95 13.94 16.59 1.18
N GLU A 96 13.71 16.25 -0.10
CA GLU A 96 13.10 17.19 -1.02
C GLU A 96 11.72 17.61 -0.56
N ARG A 97 10.92 16.65 -0.08
CA ARG A 97 9.56 16.96 0.36
C ARG A 97 9.53 17.59 1.74
N MET A 98 10.62 17.49 2.50
CA MET A 98 10.67 18.03 3.86
C MET A 98 11.17 19.47 3.87
N PHE A 99 12.24 19.76 3.12
CA PHE A 99 12.87 21.06 3.13
C PHE A 99 12.56 21.89 1.89
N GLY A 100 12.28 21.24 0.75
CA GLY A 100 12.10 21.91 -0.52
C GLY A 100 11.11 23.06 -0.51
N PRO A 101 9.85 22.78 -0.18
CA PRO A 101 8.83 23.85 -0.22
C PRO A 101 9.17 25.06 0.64
N THR A 102 9.82 24.86 1.79
CA THR A 102 10.13 25.96 2.70
C THR A 102 11.49 26.59 2.40
N TYR A 103 12.52 25.77 2.17
CA TYR A 103 13.89 26.24 2.11
C TYR A 103 14.52 26.15 0.73
N GLY A 104 13.90 25.45 -0.21
CA GLY A 104 14.53 25.23 -1.49
C GLY A 104 15.55 24.11 -1.44
N ASP A 105 16.84 24.46 -1.42
CA ASP A 105 17.89 23.46 -1.38
C ASP A 105 18.13 22.95 0.04
N TYR A 106 18.73 21.77 0.12
CA TYR A 106 19.19 21.19 1.37
C TYR A 106 20.59 20.62 1.10
N TRP A 107 21.33 20.34 2.17
CA TRP A 107 22.64 19.71 2.00
C TRP A 107 22.99 18.90 3.23
N PHE A 108 24.12 18.19 3.13
CA PHE A 108 24.57 17.27 4.16
C PHE A 108 24.93 18.02 5.44
N ASN A 109 24.43 17.52 6.57
CA ASN A 109 24.70 18.13 7.87
C ASN A 109 25.87 17.45 8.57
N GLY A 110 25.77 16.14 8.77
CA GLY A 110 26.85 15.38 9.39
C GLY A 110 26.53 13.90 9.33
N GLY A 111 27.59 13.10 9.42
CA GLY A 111 27.45 11.67 9.37
C GLY A 111 28.40 10.96 10.30
N SER A 112 27.86 10.18 11.24
CA SER A 112 28.64 9.61 12.32
C SER A 112 28.60 8.08 12.30
N ILE A 113 29.67 7.48 12.80
CA ILE A 113 29.68 6.05 13.09
C ILE A 113 29.03 5.84 14.46
N LEU A 114 28.03 4.98 14.50
CA LEU A 114 27.26 4.74 15.73
C LEU A 114 27.54 3.34 16.25
N HIS A 115 28.73 3.17 16.82
CA HIS A 115 29.15 1.91 17.41
C HIS A 115 28.98 1.96 18.92
N LEU A 116 28.08 1.14 19.44
CA LEU A 116 27.84 1.05 20.87
C LEU A 116 28.71 -0.03 21.48
N GLU A 117 29.59 0.36 22.40
CA GLU A 117 30.49 -0.57 23.05
C GLU A 117 29.75 -1.40 24.10
N PRO A 118 30.11 -2.68 24.25
CA PRO A 118 29.52 -3.49 25.32
C PRO A 118 29.66 -2.81 26.68
N GLY A 119 28.56 -2.77 27.43
CA GLY A 119 28.55 -2.18 28.75
C GLY A 119 28.25 -0.70 28.79
N GLU A 120 28.06 -0.05 27.65
CA GLU A 120 27.73 1.36 27.64
C GLU A 120 26.33 1.58 28.21
N ASN A 121 26.20 2.58 29.06
CA ASN A 121 24.92 2.86 29.70
C ASN A 121 23.96 3.54 28.72
N THR A 122 22.70 3.69 29.15
CA THR A 122 21.68 4.26 28.29
C THR A 122 22.00 5.71 27.95
N GLN A 123 21.67 6.11 26.72
CA GLN A 123 21.94 7.47 26.28
C GLN A 123 20.82 8.41 26.75
N PRO A 124 21.16 9.65 27.12
CA PRO A 124 20.11 10.63 27.45
C PRO A 124 19.14 10.81 26.29
N ILE A 125 17.87 10.93 26.64
CA ILE A 125 16.80 11.04 25.65
C ILE A 125 16.76 12.48 25.15
N HIS A 126 16.75 12.67 23.84
CA HIS A 126 17.01 13.99 23.29
C HIS A 126 16.37 14.15 21.91
N GLN A 127 16.29 15.41 21.49
CA GLN A 127 15.98 15.77 20.11
C GLN A 127 17.27 16.22 19.43
N ASP A 128 17.46 15.79 18.17
CA ASP A 128 18.73 16.10 17.50
C ASP A 128 18.87 17.58 17.17
N HIS A 129 17.77 18.31 17.03
CA HIS A 129 17.86 19.73 16.71
C HIS A 129 18.12 20.61 17.94
N VAL A 130 18.55 20.01 19.05
CA VAL A 130 18.65 20.75 20.31
C VAL A 130 19.78 21.79 20.23
N PHE A 131 20.81 21.55 19.42
CA PHE A 131 21.92 22.48 19.34
C PHE A 131 21.66 23.63 18.36
N TYR A 132 20.53 23.64 17.68
CA TYR A 132 20.13 24.80 16.89
C TYR A 132 19.53 25.84 17.81
N GLN A 133 20.13 27.03 17.85
CA GLN A 133 19.56 28.11 18.64
C GLN A 133 18.15 28.45 18.19
N ILE A 134 17.85 28.26 16.90
CA ILE A 134 16.55 28.64 16.35
C ILE A 134 15.49 27.57 16.54
N SER A 135 15.80 26.46 17.22
CA SER A 135 14.74 25.52 17.58
C SER A 135 13.78 26.11 18.60
N LYS A 136 14.12 27.25 19.20
CA LYS A 136 13.23 27.96 20.11
C LYS A 136 12.33 28.95 19.40
N TRP A 137 12.63 29.30 18.15
CA TRP A 137 11.71 30.08 17.33
C TRP A 137 10.71 29.19 16.58
N ARG A 138 11.05 27.92 16.38
CA ARG A 138 10.24 27.02 15.58
C ARG A 138 9.06 26.49 16.39
N ARG A 139 7.97 26.20 15.68
CA ARG A 139 6.79 25.57 16.26
C ARG A 139 6.62 24.16 15.70
N PRO A 140 5.99 23.25 16.44
CA PRO A 140 5.96 21.84 16.03
C PRO A 140 5.31 21.58 14.68
N THR A 141 4.54 22.53 14.14
CA THR A 141 3.96 22.37 12.81
C THR A 141 4.89 22.82 11.69
N ASP A 142 5.89 23.64 11.99
CA ASP A 142 6.89 24.04 11.01
C ASP A 142 7.71 22.83 10.56
N PRO A 143 8.34 22.91 9.39
CA PRO A 143 9.25 21.83 8.99
C PRO A 143 10.41 21.68 9.96
N ASP A 144 10.99 20.49 9.97
CA ASP A 144 12.08 20.20 10.87
C ASP A 144 13.35 20.96 10.45
N LEU A 145 14.28 21.07 11.40
CA LEU A 145 15.55 21.75 11.16
C LEU A 145 16.62 20.82 10.61
N THR A 146 16.46 19.51 10.80
CA THR A 146 17.40 18.51 10.32
C THR A 146 16.72 17.15 10.35
N ILE A 147 17.28 16.19 9.62
CA ILE A 147 16.75 14.84 9.58
C ILE A 147 17.90 13.85 9.53
N ASN A 148 17.82 12.81 10.35
CA ASN A 148 18.84 11.78 10.45
C ASN A 148 18.31 10.48 9.84
N PHE A 149 19.19 9.78 9.13
CA PHE A 149 18.93 8.43 8.65
C PHE A 149 19.92 7.50 9.34
N THR A 150 19.43 6.63 10.22
CA THR A 150 20.27 5.76 11.01
C THR A 150 20.17 4.35 10.45
N MET A 151 21.25 3.87 9.86
CA MET A 151 21.29 2.59 9.16
C MET A 151 22.02 1.55 10.01
N ALA A 152 21.43 0.36 10.10
CA ALA A 152 21.96 -0.70 10.95
C ALA A 152 22.99 -1.53 10.19
N LEU A 153 24.13 -1.77 10.83
CA LEU A 153 25.10 -2.74 10.34
C LEU A 153 24.95 -4.08 11.05
N THR A 154 25.05 -4.08 12.38
CA THR A 154 24.58 -5.21 13.13
C THR A 154 23.06 -5.11 13.34
N GLU A 155 22.50 -6.19 13.86
CA GLU A 155 21.12 -6.15 14.33
C GLU A 155 20.95 -5.07 15.38
N PHE A 156 19.81 -4.39 15.35
CA PHE A 156 19.40 -3.51 16.42
C PHE A 156 18.40 -4.26 17.27
N THR A 157 18.77 -4.56 18.52
CA THR A 157 17.92 -5.31 19.44
C THR A 157 17.79 -4.55 20.74
N VAL A 158 16.86 -5.02 21.58
CA VAL A 158 16.67 -4.41 22.89
C VAL A 158 17.93 -4.53 23.73
N GLU A 159 18.60 -5.68 23.67
CA GLU A 159 19.72 -5.95 24.55
C GLU A 159 20.99 -5.21 24.10
N ASN A 160 21.26 -5.17 22.80
CA ASN A 160 22.48 -4.52 22.32
C ASN A 160 22.36 -3.00 22.23
N GLY A 161 21.27 -2.42 22.71
CA GLY A 161 21.15 -0.97 22.80
C GLY A 161 20.53 -0.28 21.63
N GLY A 162 19.72 -0.98 20.82
CA GLY A 162 19.07 -0.38 19.68
C GLY A 162 18.31 0.89 20.01
N THR A 163 18.24 1.81 19.05
CA THR A 163 17.63 3.11 19.30
C THR A 163 16.18 2.97 19.74
N ARG A 164 15.78 3.79 20.71
CA ARG A 164 14.41 3.85 21.18
C ARG A 164 13.79 5.18 20.75
N VAL A 165 12.55 5.13 20.26
CA VAL A 165 11.84 6.31 19.81
C VAL A 165 10.52 6.40 20.56
N CYS A 166 10.00 7.63 20.67
CA CYS A 166 8.73 7.91 21.34
C CYS A 166 7.80 8.53 20.31
N PRO A 167 6.97 7.73 19.64
CA PRO A 167 6.16 8.26 18.53
C PRO A 167 5.25 9.38 18.99
N GLY A 168 4.93 10.28 18.06
CA GLY A 168 4.08 11.42 18.35
C GLY A 168 4.76 12.55 19.07
N SER A 169 5.88 12.29 19.74
CA SER A 169 6.55 13.32 20.53
C SER A 169 7.17 14.42 19.67
N HIS A 170 7.16 14.28 18.35
CA HIS A 170 7.62 15.37 17.49
C HIS A 170 6.63 16.52 17.44
N LEU A 171 5.37 16.27 17.76
CA LEU A 171 4.35 17.32 17.80
C LEU A 171 4.26 17.98 19.17
N TRP A 172 5.03 17.52 20.15
CA TRP A 172 5.01 18.16 21.46
C TRP A 172 5.50 19.59 21.37
N GLU A 173 4.89 20.47 22.16
CA GLU A 173 5.27 21.87 22.17
C GLU A 173 6.70 22.04 22.68
N ASN A 174 7.28 23.20 22.42
CA ASN A 174 8.65 23.48 22.84
C ASN A 174 8.71 23.61 24.36
N GLY A 175 9.76 23.04 24.95
CA GLY A 175 9.92 23.01 26.39
C GLY A 175 9.27 21.83 27.08
N HIS A 176 8.42 21.10 26.33
CA HIS A 176 7.76 19.89 26.87
C HIS A 176 8.84 18.98 27.44
N ALA A 177 8.60 18.37 28.61
CA ALA A 177 9.59 17.53 29.25
C ALA A 177 9.95 16.33 28.38
N SER A 178 11.14 15.79 28.62
CA SER A 178 11.56 14.60 27.91
C SER A 178 10.60 13.45 28.21
N PRO A 179 10.37 12.55 27.26
CA PRO A 179 9.44 11.45 27.50
C PRO A 179 9.96 10.51 28.59
N ALA A 180 9.04 9.71 29.12
CA ALA A 180 9.39 8.75 30.15
C ALA A 180 10.03 7.52 29.53
N GLU A 181 10.99 6.94 30.24
CA GLU A 181 11.68 5.74 29.75
C GLU A 181 10.69 4.61 29.46
N GLU A 182 9.65 4.49 30.30
CA GLU A 182 8.68 3.42 30.10
C GLU A 182 7.93 3.57 28.78
N ASP A 183 7.71 4.80 28.34
CA ASP A 183 7.04 5.08 27.06
C ASP A 183 8.03 5.33 25.94
N MET A 184 9.17 4.63 25.95
CA MET A 184 10.12 4.65 24.86
C MET A 184 10.07 3.31 24.13
N VAL A 185 9.90 3.37 22.82
CA VAL A 185 9.64 2.19 22.00
C VAL A 185 10.95 1.76 21.35
N PRO A 186 11.45 0.56 21.61
CA PRO A 186 12.71 0.14 20.99
C PRO A 186 12.52 -0.15 19.51
N VAL A 187 13.53 0.19 18.73
CA VAL A 187 13.53 -0.03 17.28
C VAL A 187 14.33 -1.29 17.00
N LEU A 188 13.67 -2.31 16.50
CA LEU A 188 14.29 -3.60 16.20
C LEU A 188 14.56 -3.67 14.71
N MET A 189 15.83 -3.82 14.35
CA MET A 189 16.25 -3.62 12.97
C MET A 189 17.21 -4.72 12.56
N GLN A 190 17.07 -5.18 11.32
CA GLN A 190 18.02 -6.08 10.69
C GLN A 190 19.06 -5.28 9.94
N PRO A 191 20.21 -5.89 9.60
CA PRO A 191 21.22 -5.16 8.81
C PRO A 191 20.65 -4.67 7.48
N GLY A 192 20.83 -3.37 7.23
CA GLY A 192 20.29 -2.74 6.06
C GLY A 192 19.03 -1.92 6.28
N ASP A 193 18.32 -2.16 7.38
CA ASP A 193 17.18 -1.32 7.72
C ASP A 193 17.68 0.09 8.09
N ALA A 194 16.74 1.04 8.14
CA ALA A 194 17.08 2.40 8.53
C ALA A 194 15.96 3.02 9.35
N LEU A 195 16.34 3.64 10.46
CA LEU A 195 15.42 4.42 11.28
C LEU A 195 15.43 5.86 10.78
N ILE A 196 14.25 6.39 10.49
CA ILE A 196 14.12 7.76 10.00
C ILE A 196 13.87 8.66 11.21
N LEU A 197 14.79 9.61 11.43
CA LEU A 197 14.80 10.43 12.64
C LEU A 197 14.80 11.92 12.29
N PRO A 198 13.63 12.55 12.22
CA PRO A 198 13.58 14.01 12.15
C PRO A 198 14.14 14.62 13.43
N GLY A 199 14.60 15.86 13.31
CA GLY A 199 15.28 16.52 14.42
C GLY A 199 14.39 16.77 15.63
N SER A 200 13.08 16.68 15.48
CA SER A 200 12.15 16.91 16.58
C SER A 200 11.74 15.63 17.31
N MET A 201 12.09 14.47 16.78
CA MET A 201 11.71 13.21 17.42
C MET A 201 12.58 12.96 18.64
N TRP A 202 11.94 12.74 19.78
CA TRP A 202 12.66 12.38 21.00
C TRP A 202 13.14 10.94 20.90
N HIS A 203 14.41 10.72 21.23
CA HIS A 203 15.00 9.41 21.05
C HIS A 203 16.28 9.33 21.88
N SER A 204 16.83 8.11 21.94
CA SER A 204 18.12 7.84 22.57
C SER A 204 18.48 6.38 22.33
N ALA A 205 19.79 6.14 22.29
CA ALA A 205 20.27 4.76 22.24
C ALA A 205 20.17 4.13 23.62
N GLY A 206 19.87 2.83 23.65
CA GLY A 206 19.77 2.10 24.89
C GLY A 206 21.11 1.56 25.36
N ALA A 207 21.09 0.96 26.54
CA ALA A 207 22.29 0.33 27.07
C ALA A 207 22.59 -0.96 26.31
N ASN A 208 23.87 -1.16 26.00
CA ASN A 208 24.32 -2.39 25.34
C ASN A 208 24.73 -3.37 26.42
N ARG A 209 23.84 -4.32 26.73
CA ARG A 209 24.09 -5.32 27.75
C ARG A 209 24.60 -6.63 27.17
N THR A 210 25.03 -6.65 25.91
CA THR A 210 25.56 -7.84 25.28
C THR A 210 27.08 -7.74 25.16
N SER A 211 27.69 -8.83 24.69
CA SER A 211 29.14 -8.95 24.58
C SER A 211 29.65 -8.58 23.19
N GLU A 212 28.85 -7.89 22.39
CA GLU A 212 29.27 -7.51 21.05
C GLU A 212 28.81 -6.08 20.76
N TYR A 213 29.58 -5.40 19.91
CA TYR A 213 29.26 -4.03 19.52
C TYR A 213 27.94 -3.97 18.75
N ARG A 214 27.15 -2.95 19.04
CA ARG A 214 26.06 -2.56 18.17
C ARG A 214 26.61 -1.58 17.13
N ARG A 215 26.61 -1.98 15.86
CA ARG A 215 27.24 -1.19 14.83
C ARG A 215 26.20 -0.61 13.86
N GLY A 216 26.61 0.47 13.21
CA GLY A 216 25.75 1.19 12.29
C GLY A 216 26.35 2.56 12.03
N PHE A 217 25.69 3.31 11.15
CA PHE A 217 26.13 4.67 10.87
C PHE A 217 24.96 5.47 10.33
N ALA A 218 25.17 6.78 10.23
CA ALA A 218 24.10 7.72 9.96
C ALA A 218 24.51 8.72 8.89
N THR A 219 23.51 9.20 8.16
CA THR A 219 23.58 10.42 7.39
C THR A 219 22.58 11.40 7.96
N SER A 220 22.81 12.68 7.71
CA SER A 220 21.86 13.70 8.13
C SER A 220 21.93 14.88 7.16
N PHE A 221 20.78 15.51 6.96
CA PHE A 221 20.64 16.62 6.03
C PHE A 221 19.81 17.70 6.69
N HIS A 222 20.02 18.94 6.27
CA HIS A 222 19.30 20.08 6.83
C HIS A 222 19.29 21.20 5.79
N PRO A 223 18.44 22.22 5.98
CA PRO A 223 18.29 23.27 4.95
C PRO A 223 19.62 23.92 4.54
N CYS A 224 19.63 24.40 3.29
CA CYS A 224 20.85 24.95 2.71
C CYS A 224 21.32 26.20 3.44
N HIS A 225 20.42 26.94 4.08
CA HIS A 225 20.79 28.18 4.76
C HIS A 225 21.37 27.95 6.15
N PHE A 226 21.49 26.70 6.59
CA PHE A 226 22.08 26.37 7.89
C PHE A 226 23.47 25.78 7.69
N THR A 227 24.40 26.17 8.56
CA THR A 227 25.78 25.72 8.46
C THR A 227 25.90 24.26 8.90
N PRO A 228 26.48 23.39 8.08
CA PRO A 228 26.55 21.96 8.45
C PRO A 228 27.52 21.71 9.60
N ILE A 229 27.26 20.63 10.32
CA ILE A 229 28.17 20.18 11.37
C ILE A 229 29.56 19.93 10.80
N GLU A 230 29.62 19.30 9.64
CA GLU A 230 30.88 18.92 9.02
C GLU A 230 31.17 19.78 7.79
N SER A 231 32.42 20.22 7.68
CA SER A 231 32.95 20.73 6.42
C SER A 231 33.65 19.60 5.69
N HIS A 232 33.65 19.68 4.36
CA HIS A 232 34.37 18.71 3.53
C HIS A 232 35.42 19.39 2.66
N HIS A 233 35.83 20.61 3.04
CA HIS A 233 36.78 21.38 2.25
C HIS A 233 38.19 20.80 2.27
N HIS A 234 38.48 19.88 3.18
CA HIS A 234 39.79 19.24 3.27
C HIS A 234 39.90 18.01 2.38
N LEU A 235 38.82 17.59 1.73
CA LEU A 235 38.87 16.40 0.90
C LEU A 235 39.72 16.64 -0.34
N PRO A 236 40.45 15.62 -0.80
CA PRO A 236 41.23 15.77 -2.02
C PRO A 236 40.33 16.01 -3.23
N ARG A 237 40.90 16.70 -4.23
CA ARG A 237 40.11 17.06 -5.40
C ARG A 237 39.67 15.84 -6.20
N GLU A 238 40.48 14.77 -6.16
CA GLU A 238 40.13 13.56 -6.89
C GLU A 238 38.84 12.93 -6.34
N MET A 239 38.61 13.04 -5.03
CA MET A 239 37.37 12.50 -4.47
C MET A 239 36.18 13.36 -4.84
N VAL A 240 36.36 14.68 -4.84
CA VAL A 240 35.26 15.58 -5.15
C VAL A 240 34.80 15.41 -6.60
N GLU A 241 35.74 15.12 -7.51
CA GLU A 241 35.39 14.98 -8.92
C GLU A 241 34.71 13.66 -9.24
N GLU A 242 34.92 12.62 -8.42
CA GLU A 242 34.19 11.38 -8.62
C GLU A 242 32.79 11.41 -8.01
N MET A 243 32.45 12.47 -7.28
CA MET A 243 31.11 12.62 -6.73
C MET A 243 30.13 13.01 -7.83
N THR A 244 28.88 12.57 -7.66
CA THR A 244 27.83 13.07 -8.53
C THR A 244 27.59 14.56 -8.25
N PRO A 245 27.03 15.29 -9.23
CA PRO A 245 26.69 16.70 -8.97
C PRO A 245 25.79 16.89 -7.75
N LEU A 246 24.88 15.95 -7.51
CA LEU A 246 24.04 16.00 -6.32
C LEU A 246 24.88 15.91 -5.05
N VAL A 247 25.81 14.97 -5.01
CA VAL A 247 26.64 14.80 -3.82
C VAL A 247 27.60 15.97 -3.67
N GLN A 248 28.12 16.50 -4.77
CA GLN A 248 28.94 17.70 -4.69
C GLN A 248 28.19 18.83 -4.00
N LYS A 249 26.90 18.99 -4.31
CA LYS A 249 26.11 20.00 -3.62
C LYS A 249 25.85 19.62 -2.17
N MET A 250 25.61 18.33 -1.91
CA MET A 250 25.39 17.87 -0.55
C MET A 250 26.56 18.24 0.35
N LEU A 251 27.79 18.06 -0.15
CA LEU A 251 28.99 18.19 0.67
C LEU A 251 29.64 19.57 0.55
N GLY A 252 28.96 20.56 -0.02
CA GLY A 252 29.40 21.94 0.06
C GLY A 252 30.31 22.42 -1.04
N PHE A 253 30.26 21.82 -2.22
CA PHE A 253 31.11 22.24 -3.33
C PHE A 253 30.33 22.98 -4.42
N ARG A 254 29.05 23.25 -4.20
CA ARG A 254 28.22 23.92 -5.19
C ARG A 254 27.36 24.98 -4.53
N THR A 255 27.04 26.02 -5.31
CA THR A 255 26.17 27.08 -4.85
C THR A 255 24.76 26.53 -4.60
N LEU A 256 24.10 27.09 -3.59
CA LEU A 256 22.79 26.62 -3.15
C LEU A 256 21.72 27.65 -3.48
N ASN A 257 20.54 27.17 -3.83
CA ASN A 257 19.41 28.01 -4.23
C ASN A 257 18.34 27.95 -3.14
N LEU A 258 17.97 29.12 -2.62
CA LEU A 258 16.94 29.22 -1.60
C LEU A 258 15.56 29.08 -2.21
N HIS A 259 14.53 29.10 -1.34
CA HIS A 259 13.15 28.99 -1.80
C HIS A 259 12.75 30.13 -2.71
N ASN A 260 13.29 31.32 -2.46
CA ASN A 260 12.98 32.53 -3.21
C ASN A 260 13.88 32.72 -4.42
N ASN A 261 14.73 31.74 -4.74
CA ASN A 261 15.69 31.76 -5.84
C ASN A 261 16.88 32.67 -5.58
N VAL A 262 17.00 33.22 -4.36
CA VAL A 262 18.26 33.84 -3.96
C VAL A 262 19.29 32.75 -3.76
N LYS A 263 20.53 33.03 -4.16
CA LYS A 263 21.63 32.08 -4.03
C LYS A 263 22.48 32.39 -2.81
N VAL A 264 22.93 31.33 -2.13
CA VAL A 264 23.94 31.44 -1.09
C VAL A 264 25.07 30.49 -1.45
N TRP A 265 26.18 30.61 -0.71
CA TRP A 265 27.38 29.80 -0.96
C TRP A 265 27.90 30.02 -2.38
N LYS A 266 27.90 31.29 -2.80
CA LYS A 266 28.34 31.68 -4.14
C LYS A 266 29.82 32.03 -4.15
N ALA A 267 30.41 31.95 -5.33
CA ALA A 267 31.77 32.43 -5.58
C ALA A 267 31.64 33.81 -6.22
N GLY A 268 31.75 34.84 -5.42
CA GLY A 268 31.49 36.19 -5.91
C GLY A 268 30.04 36.33 -6.31
N GLU A 269 29.81 36.66 -7.57
CA GLU A 269 28.46 36.74 -8.13
C GLU A 269 28.08 35.49 -8.93
N GLY A 270 29.01 34.55 -9.10
CA GLY A 270 28.75 33.33 -9.82
C GLY A 270 28.73 32.11 -8.90
N ASN A 271 28.61 30.95 -9.54
CA ASN A 271 28.55 29.69 -8.80
C ASN A 271 29.93 29.24 -8.35
N LEU A 272 29.97 28.61 -7.18
CA LEU A 272 31.22 28.09 -6.64
C LEU A 272 31.83 27.04 -7.55
N GLU A 273 31.00 26.13 -8.06
CA GLU A 273 31.49 25.07 -8.95
C GLU A 273 32.10 25.63 -10.23
N ASP A 274 31.77 26.87 -10.60
CA ASP A 274 32.36 27.48 -11.78
C ASP A 274 33.73 28.08 -11.47
N ALA A 275 33.88 28.70 -10.29
CA ALA A 275 35.16 29.31 -9.95
C ALA A 275 36.21 28.26 -9.59
N THR A 276 35.78 27.11 -9.05
CA THR A 276 36.72 26.05 -8.69
C THR A 276 36.99 25.09 -9.85
N GLY A 277 36.33 25.27 -10.99
CA GLY A 277 36.56 24.39 -12.11
C GLY A 277 35.98 23.00 -11.97
N LEU A 278 35.05 22.79 -11.04
CA LEU A 278 34.43 21.49 -10.84
C LEU A 278 33.61 21.08 -12.04
N ALA A 283 33.27 17.92 -19.40
CA ALA A 283 33.23 16.48 -19.17
C ALA A 283 31.85 15.91 -19.49
N LYS A 284 30.82 16.73 -19.31
CA LYS A 284 29.45 16.26 -19.51
C LYS A 284 29.15 16.04 -20.99
N LEU A 285 29.44 17.05 -21.82
CA LEU A 285 29.21 16.88 -23.25
C LEU A 285 30.16 15.86 -23.85
N ALA A 286 31.39 15.77 -23.33
CA ALA A 286 32.36 14.83 -23.87
C ALA A 286 31.87 13.39 -23.74
N ALA A 287 31.22 13.06 -22.63
CA ALA A 287 30.70 11.70 -22.46
C ALA A 287 29.47 11.48 -23.34
N ALA A 288 28.68 12.53 -23.57
CA ALA A 288 27.43 12.37 -24.31
C ALA A 288 27.65 12.42 -25.82
N LEU A 289 28.58 13.24 -26.29
CA LEU A 289 28.80 13.45 -27.72
C LEU A 289 30.06 12.71 -28.14
N GLU A 290 29.90 11.73 -29.04
CA GLU A 290 31.04 10.93 -29.48
C GLU A 290 32.04 11.75 -30.29
N HIS A 291 31.61 12.87 -30.88
CA HIS A 291 32.49 13.70 -31.68
C HIS A 291 33.29 14.71 -30.86
N HIS A 292 33.03 14.81 -29.56
CA HIS A 292 33.80 15.70 -28.70
C HIS A 292 35.25 15.20 -28.62
N HIS A 293 36.20 16.11 -28.86
CA HIS A 293 37.61 15.72 -28.90
C HIS A 293 38.16 15.27 -27.55
N HIS A 294 37.33 15.26 -26.51
CA HIS A 294 37.71 14.73 -25.20
C HIS A 294 36.87 13.52 -24.82
N HIS A 295 36.14 12.94 -25.77
CA HIS A 295 35.23 11.83 -25.48
C HIS A 295 36.00 10.57 -25.07
N PRO B 2 -36.45 19.14 -0.60
CA PRO B 2 -35.23 18.80 -1.35
C PRO B 2 -34.65 17.44 -0.97
N GLN B 3 -33.95 16.82 -1.90
CA GLN B 3 -33.30 15.53 -1.68
C GLN B 3 -32.14 15.40 -2.65
N LEU B 4 -31.25 14.45 -2.36
CA LEU B 4 -30.15 14.15 -3.26
C LEU B 4 -30.64 13.20 -4.36
N HIS B 5 -30.53 13.65 -5.61
CA HIS B 5 -30.98 12.87 -6.76
C HIS B 5 -29.78 12.26 -7.48
N TYR B 6 -29.91 11.00 -7.86
CA TYR B 6 -28.98 10.33 -8.77
C TYR B 6 -29.74 10.10 -10.08
N VAL B 7 -29.33 10.79 -11.14
CA VAL B 7 -30.05 10.74 -12.40
C VAL B 7 -29.17 10.13 -13.48
N PRO B 8 -29.74 9.45 -14.47
CA PRO B 8 -28.92 8.86 -15.54
C PRO B 8 -28.45 9.92 -16.53
N TYR B 9 -27.56 9.49 -17.42
CA TYR B 9 -26.90 10.41 -18.35
C TYR B 9 -27.88 11.07 -19.31
N ASP B 10 -28.97 10.38 -19.65
CA ASP B 10 -29.91 10.87 -20.66
C ASP B 10 -31.07 11.67 -20.05
N THR B 11 -30.96 12.07 -18.79
CA THR B 11 -31.96 12.94 -18.20
C THR B 11 -32.06 14.24 -19.00
N PRO B 12 -33.27 14.71 -19.30
CA PRO B 12 -33.40 15.99 -20.02
C PRO B 12 -32.73 17.12 -19.25
N VAL B 13 -32.18 18.06 -20.02
CA VAL B 13 -31.50 19.21 -19.42
C VAL B 13 -32.45 19.97 -18.50
N GLU B 14 -33.72 20.07 -18.89
CA GLU B 14 -34.69 20.81 -18.10
C GLU B 14 -34.92 20.16 -16.74
N ASP B 15 -34.95 18.82 -16.70
CA ASP B 15 -35.09 18.14 -15.42
C ASP B 15 -33.88 18.39 -14.53
N VAL B 16 -32.70 18.40 -15.11
CA VAL B 16 -31.47 18.63 -14.34
C VAL B 16 -31.48 20.03 -13.75
N MET B 17 -31.81 21.03 -14.57
CA MET B 17 -31.85 22.41 -14.07
C MET B 17 -32.96 22.59 -13.03
N ARG B 18 -34.07 21.88 -13.19
CA ARG B 18 -35.13 21.93 -12.18
C ARG B 18 -34.62 21.39 -10.85
N ILE B 19 -33.92 20.26 -10.87
CA ILE B 19 -33.38 19.67 -9.65
C ILE B 19 -32.38 20.63 -9.02
N LEU B 20 -31.51 21.23 -9.83
CA LEU B 20 -30.56 22.22 -9.33
C LEU B 20 -31.27 23.36 -8.63
N LYS B 21 -32.39 23.82 -9.20
CA LYS B 21 -33.14 24.93 -8.60
C LYS B 21 -33.73 24.52 -7.26
N GLU B 22 -34.31 23.32 -7.18
CA GLU B 22 -35.01 22.89 -5.98
C GLU B 22 -34.05 22.38 -4.91
N SER B 23 -33.15 21.46 -5.27
CA SER B 23 -32.31 20.79 -4.29
C SER B 23 -30.90 21.32 -4.22
N GLY B 24 -30.42 22.01 -5.26
CA GLY B 24 -29.13 22.69 -5.20
C GLY B 24 -27.93 21.84 -5.56
N THR B 25 -28.14 20.60 -5.98
CA THR B 25 -27.06 19.67 -6.34
C THR B 25 -27.71 18.41 -6.89
N LEU B 26 -26.88 17.57 -7.53
CA LEU B 26 -27.31 16.27 -8.01
C LEU B 26 -26.09 15.51 -8.52
N VAL B 27 -26.30 14.24 -8.82
CA VAL B 27 -25.29 13.39 -9.44
C VAL B 27 -25.80 12.95 -10.79
N ILE B 28 -24.95 13.07 -11.81
CA ILE B 28 -25.20 12.49 -13.12
C ILE B 28 -24.35 11.23 -13.23
N ARG B 29 -24.99 10.07 -13.20
CA ARG B 29 -24.26 8.83 -13.31
C ARG B 29 -23.74 8.63 -14.73
N ASN B 30 -22.59 7.96 -14.83
CA ASN B 30 -21.92 7.72 -16.10
C ASN B 30 -21.64 9.02 -16.84
N PHE B 31 -21.39 10.08 -16.06
CA PHE B 31 -21.02 11.38 -16.62
C PHE B 31 -19.85 11.26 -17.59
N LEU B 32 -18.83 10.50 -17.19
CA LEU B 32 -17.72 10.15 -18.05
C LEU B 32 -17.53 8.64 -18.00
N ASP B 33 -16.90 8.09 -19.04
CA ASP B 33 -16.52 6.69 -18.97
C ASP B 33 -15.30 6.53 -18.07
N GLN B 34 -15.13 5.32 -17.54
CA GLN B 34 -14.01 5.04 -16.64
C GLN B 34 -12.68 5.29 -17.33
N ASN B 35 -12.57 4.96 -18.62
CA ASN B 35 -11.31 5.08 -19.31
C ASN B 35 -10.88 6.54 -19.47
N THR B 36 -11.84 7.46 -19.54
CA THR B 36 -11.47 8.87 -19.70
C THR B 36 -10.88 9.43 -18.40
N VAL B 37 -11.53 9.17 -17.26
CA VAL B 37 -11.00 9.67 -16.01
C VAL B 37 -9.69 8.98 -15.65
N GLN B 38 -9.49 7.75 -16.11
CA GLN B 38 -8.22 7.06 -15.87
C GLN B 38 -7.09 7.69 -16.68
N LYS B 39 -7.38 8.09 -17.92
CA LYS B 39 -6.39 8.78 -18.74
C LYS B 39 -5.89 10.06 -18.07
N VAL B 40 -6.81 10.82 -17.47
CA VAL B 40 -6.43 12.07 -16.82
C VAL B 40 -5.43 11.80 -15.70
N GLN B 41 -5.73 10.80 -14.86
CA GLN B 41 -4.79 10.42 -13.81
C GLN B 41 -3.47 9.93 -14.40
N ASP B 42 -3.54 9.10 -15.45
CA ASP B 42 -2.32 8.62 -16.10
C ASP B 42 -1.47 9.78 -16.60
N GLU B 43 -2.10 10.73 -17.31
CA GLU B 43 -1.35 11.85 -17.86
C GLU B 43 -0.81 12.76 -16.75
N VAL B 44 -1.53 12.89 -15.64
CA VAL B 44 -1.03 13.69 -14.52
C VAL B 44 0.17 13.00 -13.88
N ASP B 45 0.06 11.69 -13.65
CA ASP B 45 1.19 10.93 -13.11
C ASP B 45 2.42 11.07 -13.99
N ASP B 46 2.22 11.06 -15.31
CA ASP B 46 3.35 11.16 -16.24
C ASP B 46 3.90 12.57 -16.35
N TYR B 47 3.15 13.59 -15.94
CA TYR B 47 3.69 14.94 -15.90
C TYR B 47 4.46 15.19 -14.62
N VAL B 48 3.91 14.75 -13.49
CA VAL B 48 4.53 15.01 -12.20
C VAL B 48 5.77 14.14 -12.02
N ARG B 49 5.72 12.89 -12.46
CA ARG B 49 6.85 11.95 -12.41
C ARG B 49 7.41 11.84 -10.99
N ASN B 50 6.51 11.61 -10.05
CA ASN B 50 6.93 11.31 -8.67
C ASN B 50 7.74 10.02 -8.64
N TRP B 51 8.84 10.03 -7.90
CA TRP B 51 9.59 8.80 -7.69
C TRP B 51 8.85 7.92 -6.69
N ASN B 52 8.72 6.64 -7.03
CA ASN B 52 8.26 5.64 -6.07
C ASN B 52 9.19 4.44 -6.15
N PRO B 53 9.65 3.93 -5.02
CA PRO B 53 10.76 2.96 -5.04
C PRO B 53 10.41 1.67 -5.75
N GLY B 54 11.43 1.04 -6.31
CA GLY B 54 11.30 -0.28 -6.88
C GLY B 54 11.21 -1.33 -5.79
N PRO B 55 11.23 -2.61 -6.19
CA PRO B 55 11.08 -3.68 -5.18
C PRO B 55 12.21 -3.71 -4.17
N LYS B 56 13.46 -3.58 -4.62
CA LYS B 56 14.62 -3.64 -3.74
C LYS B 56 15.52 -2.45 -4.04
N TYR B 57 16.37 -2.12 -3.06
CA TYR B 57 17.33 -1.03 -3.23
C TYR B 57 18.23 -1.30 -4.42
N ASN B 58 18.23 -0.38 -5.38
CA ASN B 58 19.08 -0.49 -6.56
C ASN B 58 20.32 0.39 -6.39
N HIS B 59 21.45 -0.09 -6.90
CA HIS B 59 22.71 0.60 -6.74
C HIS B 59 22.94 1.65 -7.82
N SER B 66 16.80 14.55 -10.03
CA SER B 66 15.38 14.40 -9.74
C SER B 66 14.53 14.89 -10.91
N LYS B 67 13.53 14.08 -11.28
CA LYS B 67 12.67 14.36 -12.41
C LYS B 67 11.31 14.93 -12.00
N THR B 68 11.05 15.05 -10.71
CA THR B 68 9.72 15.40 -10.22
C THR B 68 9.41 16.86 -10.51
N LYS B 69 8.22 17.11 -11.05
CA LYS B 69 7.74 18.46 -11.33
C LYS B 69 6.57 18.78 -10.42
N GLN B 70 6.49 20.04 -9.99
CA GLN B 70 5.33 20.47 -9.22
C GLN B 70 4.08 20.39 -10.09
N PRO B 71 2.96 19.92 -9.55
CA PRO B 71 1.73 19.87 -10.35
C PRO B 71 1.27 21.26 -10.76
N SER B 72 0.82 21.37 -12.01
CA SER B 72 0.34 22.63 -12.57
C SER B 72 -1.13 22.53 -12.92
N ASN B 73 -1.60 23.35 -13.86
CA ASN B 73 -2.99 23.27 -14.28
C ASN B 73 -3.30 21.91 -14.89
N LEU B 74 -4.50 21.41 -14.63
CA LEU B 74 -4.94 20.14 -15.22
C LEU B 74 -4.94 20.23 -16.75
N SER B 75 -5.26 21.39 -17.30
CA SER B 75 -5.26 21.57 -18.75
C SER B 75 -3.88 21.48 -19.35
N LEU B 76 -2.83 21.76 -18.56
CA LEU B 76 -1.47 21.62 -19.04
C LEU B 76 -0.94 20.21 -18.85
N MET B 77 -1.24 19.58 -17.71
CA MET B 77 -0.72 18.26 -17.41
C MET B 77 -1.42 17.15 -18.19
N SER B 78 -2.68 17.34 -18.56
CA SER B 78 -3.48 16.28 -19.14
C SER B 78 -4.08 16.73 -20.47
N LYS B 79 -3.67 16.08 -21.55
CA LYS B 79 -4.26 16.34 -22.85
C LYS B 79 -5.72 15.91 -22.88
N THR B 80 -6.05 14.79 -22.24
CA THR B 80 -7.44 14.35 -22.18
C THR B 80 -8.32 15.37 -21.47
N TYR B 81 -7.77 16.08 -20.49
CA TYR B 81 -8.53 17.08 -19.77
C TYR B 81 -8.84 18.28 -20.65
N ARG B 82 -7.85 18.77 -21.40
CA ARG B 82 -8.03 20.00 -22.18
C ARG B 82 -8.65 19.73 -23.54
N CYS B 83 -8.48 18.52 -24.09
CA CYS B 83 -9.01 18.20 -25.41
C CYS B 83 -10.37 17.52 -25.36
N GLU B 84 -10.69 16.82 -24.28
CA GLU B 84 -11.92 16.06 -24.20
C GLU B 84 -12.81 16.48 -23.03
N VAL B 85 -12.27 16.51 -21.81
CA VAL B 85 -13.10 16.77 -20.64
C VAL B 85 -13.69 18.17 -20.68
N LEU B 86 -12.89 19.17 -21.07
CA LEU B 86 -13.38 20.54 -21.11
C LEU B 86 -14.37 20.80 -22.23
N ASN B 87 -14.62 19.82 -23.11
CA ASN B 87 -15.64 19.91 -24.13
C ASN B 87 -16.91 19.14 -23.75
N HIS B 88 -17.04 18.74 -22.49
CA HIS B 88 -18.14 17.89 -22.05
C HIS B 88 -19.48 18.58 -22.30
N PRO B 89 -20.40 17.95 -23.04
CA PRO B 89 -21.66 18.62 -23.36
C PRO B 89 -22.54 18.91 -22.16
N TRP B 90 -22.48 18.08 -21.10
CA TRP B 90 -23.28 18.36 -19.92
C TRP B 90 -22.79 19.59 -19.17
N MET B 91 -21.47 19.78 -19.13
CA MET B 91 -20.92 20.96 -18.47
C MET B 91 -21.38 22.23 -19.16
N HIS B 92 -21.34 22.25 -20.49
CA HIS B 92 -21.71 23.44 -21.23
C HIS B 92 -23.22 23.64 -21.29
N ALA B 93 -23.99 22.55 -21.27
CA ALA B 93 -25.44 22.69 -21.27
C ALA B 93 -25.91 23.32 -19.96
N ILE B 94 -25.37 22.88 -18.83
CA ILE B 94 -25.75 23.44 -17.54
C ILE B 94 -25.20 24.85 -17.40
N CYS B 95 -23.94 25.06 -17.78
CA CYS B 95 -23.32 26.37 -17.63
C CYS B 95 -24.03 27.41 -18.48
N GLU B 96 -24.39 27.06 -19.72
CA GLU B 96 -25.08 28.00 -20.59
C GLU B 96 -26.40 28.45 -19.98
N ARG B 97 -27.12 27.53 -19.33
CA ARG B 97 -28.42 27.85 -18.76
C ARG B 97 -28.33 28.45 -17.37
N MET B 98 -27.20 28.31 -16.69
CA MET B 98 -27.02 28.93 -15.39
C MET B 98 -26.45 30.34 -15.49
N PHE B 99 -25.58 30.60 -16.48
CA PHE B 99 -24.89 31.86 -16.59
C PHE B 99 -25.32 32.70 -17.79
N GLY B 100 -25.78 32.07 -18.86
CA GLY B 100 -26.09 32.73 -20.10
C GLY B 100 -27.03 33.93 -19.99
N PRO B 101 -28.25 33.72 -19.52
CA PRO B 101 -29.24 34.82 -19.52
C PRO B 101 -28.81 36.03 -18.72
N THR B 102 -27.98 35.86 -17.71
CA THR B 102 -27.56 36.96 -16.85
C THR B 102 -26.21 37.54 -17.23
N TYR B 103 -25.24 36.69 -17.57
CA TYR B 103 -23.87 37.13 -17.83
C TYR B 103 -23.44 36.98 -19.29
N GLY B 104 -24.18 36.22 -20.09
CA GLY B 104 -23.71 35.88 -21.42
C GLY B 104 -22.69 34.77 -21.37
N ASP B 105 -21.43 35.09 -21.64
CA ASP B 105 -20.38 34.08 -21.68
C ASP B 105 -20.00 33.62 -20.27
N TYR B 106 -19.45 32.41 -20.21
CA TYR B 106 -18.82 31.86 -19.01
C TYR B 106 -17.44 31.34 -19.42
N TRP B 107 -16.59 31.08 -18.43
CA TRP B 107 -15.32 30.44 -18.73
C TRP B 107 -14.82 29.67 -17.52
N PHE B 108 -13.70 28.97 -17.73
CA PHE B 108 -13.14 28.05 -16.75
C PHE B 108 -12.67 28.82 -15.52
N ASN B 109 -13.01 28.31 -14.34
CA ASN B 109 -12.64 28.94 -13.08
C ASN B 109 -11.40 28.26 -12.47
N GLY B 110 -11.51 26.96 -12.18
CA GLY B 110 -10.39 26.21 -11.66
C GLY B 110 -10.68 24.73 -11.70
N GLY B 111 -9.60 23.95 -11.72
CA GLY B 111 -9.71 22.51 -11.77
C GLY B 111 -8.63 21.83 -10.96
N SER B 112 -9.03 21.06 -9.96
CA SER B 112 -8.10 20.48 -9.00
C SER B 112 -8.18 18.97 -8.99
N ILE B 113 -7.10 18.35 -8.57
CA ILE B 113 -7.07 16.92 -8.27
C ILE B 113 -7.49 16.74 -6.82
N LEU B 114 -8.55 15.97 -6.59
CA LEU B 114 -9.03 15.67 -5.25
C LEU B 114 -8.51 14.30 -4.84
N HIS B 115 -7.64 14.27 -3.83
CA HIS B 115 -7.07 13.03 -3.32
C HIS B 115 -7.13 13.04 -1.80
N LEU B 116 -8.07 12.28 -1.24
CA LEU B 116 -8.24 12.15 0.20
C LEU B 116 -7.35 11.03 0.71
N GLU B 117 -6.44 11.35 1.63
CA GLU B 117 -5.50 10.35 2.11
C GLU B 117 -6.12 9.52 3.24
N PRO B 118 -5.65 8.29 3.44
CA PRO B 118 -6.14 7.49 4.56
C PRO B 118 -5.90 8.21 5.88
N GLY B 119 -6.92 8.18 6.74
CA GLY B 119 -6.87 8.86 8.02
C GLY B 119 -7.21 10.33 7.97
N GLU B 120 -7.49 10.88 6.79
CA GLU B 120 -7.87 12.29 6.70
C GLU B 120 -9.17 12.53 7.45
N ASN B 121 -9.19 13.58 8.27
CA ASN B 121 -10.39 13.93 9.01
C ASN B 121 -11.36 14.68 8.12
N THR B 122 -12.56 14.93 8.65
CA THR B 122 -13.63 15.55 7.87
C THR B 122 -13.29 16.99 7.53
N GLN B 123 -13.52 17.34 6.26
CA GLN B 123 -13.32 18.71 5.82
C GLN B 123 -14.39 19.62 6.43
N PRO B 124 -14.03 20.86 6.75
CA PRO B 124 -15.07 21.82 7.20
C PRO B 124 -16.14 22.00 6.13
N ILE B 125 -17.40 22.03 6.58
CA ILE B 125 -18.52 22.22 5.67
C ILE B 125 -18.54 23.66 5.21
N HIS B 126 -18.64 23.86 3.89
CA HIS B 126 -18.43 25.18 3.32
C HIS B 126 -19.24 25.33 2.05
N GLN B 127 -19.37 26.58 1.60
CA GLN B 127 -19.80 26.92 0.26
C GLN B 127 -18.58 27.30 -0.57
N ASP B 128 -18.56 26.88 -1.84
CA ASP B 128 -17.39 27.14 -2.67
C ASP B 128 -17.27 28.62 -3.03
N HIS B 129 -18.38 29.36 -3.07
CA HIS B 129 -18.30 30.77 -3.43
C HIS B 129 -17.92 31.67 -2.26
N VAL B 130 -17.50 31.09 -1.14
CA VAL B 130 -17.20 31.89 0.06
C VAL B 130 -16.09 32.90 -0.21
N PHE B 131 -15.17 32.58 -1.12
CA PHE B 131 -14.06 33.49 -1.37
C PHE B 131 -14.42 34.62 -2.33
N TYR B 132 -15.61 34.61 -2.92
CA TYR B 132 -16.10 35.75 -3.68
C TYR B 132 -16.62 36.80 -2.70
N GLN B 133 -16.03 38.00 -2.75
CA GLN B 133 -16.51 39.07 -1.89
C GLN B 133 -17.95 39.44 -2.21
N ILE B 134 -18.32 39.39 -3.49
CA ILE B 134 -19.67 39.76 -3.91
C ILE B 134 -20.71 38.71 -3.54
N SER B 135 -20.29 37.59 -2.93
CA SER B 135 -21.28 36.65 -2.42
C SER B 135 -22.11 37.25 -1.31
N LYS B 136 -21.65 38.34 -0.70
CA LYS B 136 -22.41 39.00 0.35
C LYS B 136 -23.46 39.96 -0.20
N TRP B 137 -23.29 40.45 -1.42
CA TRP B 137 -24.37 41.16 -2.09
C TRP B 137 -25.41 40.22 -2.67
N ARG B 138 -25.02 38.99 -2.97
CA ARG B 138 -25.89 38.07 -3.69
C ARG B 138 -27.03 37.59 -2.81
N ARG B 139 -28.19 37.39 -3.43
CA ARG B 139 -29.34 36.78 -2.79
C ARG B 139 -29.42 35.31 -3.17
N PRO B 140 -29.99 34.46 -2.32
CA PRO B 140 -30.11 33.03 -2.67
C PRO B 140 -30.87 32.78 -3.96
N THR B 141 -31.70 33.74 -4.38
CA THR B 141 -32.45 33.61 -5.63
C THR B 141 -31.65 34.02 -6.86
N ASP B 142 -30.49 34.67 -6.68
CA ASP B 142 -29.68 35.07 -7.81
C ASP B 142 -28.96 33.85 -8.41
N PRO B 143 -28.53 33.95 -9.67
CA PRO B 143 -27.72 32.87 -10.25
C PRO B 143 -26.44 32.66 -9.45
N ASP B 144 -25.93 31.43 -9.54
CA ASP B 144 -24.74 31.07 -8.79
C ASP B 144 -23.51 31.81 -9.32
N LEU B 145 -22.55 32.03 -8.43
CA LEU B 145 -21.29 32.68 -8.80
C LEU B 145 -20.32 31.74 -9.47
N THR B 146 -20.45 30.43 -9.24
CA THR B 146 -19.57 29.42 -9.82
C THR B 146 -20.25 28.08 -9.66
N ILE B 147 -19.82 27.11 -10.48
CA ILE B 147 -20.35 25.75 -10.42
C ILE B 147 -19.22 24.77 -10.61
N ASN B 148 -19.24 23.69 -9.83
CA ASN B 148 -18.18 22.69 -9.80
C ASN B 148 -18.74 21.37 -10.32
N PHE B 149 -17.91 20.65 -11.07
CA PHE B 149 -18.21 19.30 -11.55
C PHE B 149 -17.16 18.37 -10.96
N THR B 150 -17.53 17.64 -9.91
CA THR B 150 -16.61 16.76 -9.20
C THR B 150 -16.78 15.35 -9.73
N MET B 151 -15.79 14.88 -10.48
CA MET B 151 -15.83 13.58 -11.13
C MET B 151 -15.02 12.56 -10.33
N ALA B 152 -15.62 11.39 -10.10
CA ALA B 152 -14.98 10.35 -9.29
C ALA B 152 -14.03 9.52 -10.14
N LEU B 153 -12.84 9.25 -9.60
CA LEU B 153 -11.89 8.32 -10.22
C LEU B 153 -11.94 6.96 -9.53
N THR B 154 -11.72 6.94 -8.22
CA THR B 154 -12.09 5.78 -7.44
C THR B 154 -13.56 5.86 -7.07
N GLU B 155 -14.06 4.81 -6.43
CA GLU B 155 -15.39 4.85 -5.85
C GLU B 155 -15.49 5.97 -4.82
N PHE B 156 -16.67 6.56 -4.75
CA PHE B 156 -17.02 7.45 -3.64
C PHE B 156 -17.93 6.67 -2.70
N THR B 157 -17.46 6.43 -1.48
CA THR B 157 -18.21 5.71 -0.46
C THR B 157 -18.32 6.58 0.79
N VAL B 158 -19.17 6.16 1.71
CA VAL B 158 -19.27 6.85 2.99
C VAL B 158 -17.94 6.74 3.75
N GLU B 159 -17.35 5.55 3.75
CA GLU B 159 -16.21 5.30 4.62
C GLU B 159 -14.94 5.96 4.11
N ASN B 160 -14.77 6.11 2.79
CA ASN B 160 -13.58 6.75 2.26
C ASN B 160 -13.76 8.26 2.05
N GLY B 161 -14.79 8.84 2.65
CA GLY B 161 -14.93 10.28 2.64
C GLY B 161 -15.56 10.88 1.40
N GLY B 162 -16.45 10.15 0.74
CA GLY B 162 -17.18 10.73 -0.38
C GLY B 162 -17.87 12.02 0.03
N THR B 163 -17.85 12.99 -0.89
CA THR B 163 -18.39 14.32 -0.60
C THR B 163 -19.82 14.24 -0.07
N ARG B 164 -20.10 15.00 0.97
CA ARG B 164 -21.44 15.08 1.53
C ARG B 164 -22.06 16.43 1.18
N VAL B 165 -23.37 16.44 0.93
CA VAL B 165 -24.08 17.65 0.58
C VAL B 165 -25.30 17.79 1.48
N CYS B 166 -25.78 19.03 1.60
CA CYS B 166 -26.99 19.35 2.35
C CYS B 166 -28.02 19.89 1.36
N PRO B 167 -28.84 19.04 0.78
CA PRO B 167 -29.81 19.49 -0.21
C PRO B 167 -30.73 20.57 0.35
N GLY B 168 -31.05 21.55 -0.50
CA GLY B 168 -31.85 22.69 -0.09
C GLY B 168 -31.09 23.82 0.58
N SER B 169 -29.90 23.55 1.13
CA SER B 169 -29.14 24.57 1.83
C SER B 169 -28.62 25.68 0.92
N HIS B 170 -28.74 25.52 -0.40
CA HIS B 170 -28.35 26.59 -1.32
C HIS B 170 -29.31 27.77 -1.25
N LEU B 171 -30.53 27.56 -0.77
CA LEU B 171 -31.52 28.63 -0.66
C LEU B 171 -31.48 29.35 0.68
N TRP B 172 -30.58 28.94 1.57
CA TRP B 172 -30.42 29.63 2.83
C TRP B 172 -29.87 31.03 2.60
N GLU B 173 -30.32 31.97 3.43
CA GLU B 173 -29.86 33.35 3.34
C GLU B 173 -28.40 33.46 3.77
N ASN B 174 -27.77 34.56 3.38
CA ASN B 174 -26.39 34.82 3.76
C ASN B 174 -26.27 34.90 5.29
N GLY B 175 -25.13 34.44 5.80
CA GLY B 175 -24.90 34.43 7.22
C GLY B 175 -25.55 33.29 7.97
N HIS B 176 -26.36 32.48 7.30
CA HIS B 176 -26.89 31.28 7.93
C HIS B 176 -25.75 30.40 8.41
N ALA B 177 -25.91 29.82 9.60
CA ALA B 177 -24.93 28.89 10.10
C ALA B 177 -24.78 27.71 9.14
N SER B 178 -23.57 27.14 9.11
CA SER B 178 -23.34 25.94 8.33
C SER B 178 -24.27 24.83 8.83
N PRO B 179 -24.67 23.91 7.95
CA PRO B 179 -25.48 22.78 8.41
C PRO B 179 -24.71 21.92 9.40
N ALA B 180 -25.44 21.30 10.32
CA ALA B 180 -24.81 20.38 11.26
C ALA B 180 -24.33 19.13 10.53
N GLU B 181 -23.43 18.40 11.17
CA GLU B 181 -22.93 17.16 10.58
C GLU B 181 -24.05 16.18 10.31
N GLU B 182 -25.09 16.19 11.14
CA GLU B 182 -26.22 15.28 10.92
C GLU B 182 -27.06 15.67 9.71
N ASP B 183 -26.96 16.91 9.23
CA ASP B 183 -27.70 17.32 8.05
C ASP B 183 -27.13 16.77 6.75
N MET B 184 -25.91 16.24 6.77
CA MET B 184 -25.16 16.00 5.54
C MET B 184 -25.47 14.63 4.95
N VAL B 185 -25.64 14.60 3.64
CA VAL B 185 -25.97 13.40 2.88
C VAL B 185 -24.74 13.01 2.08
N PRO B 186 -24.14 11.85 2.34
CA PRO B 186 -22.97 11.44 1.55
C PRO B 186 -23.36 11.10 0.13
N VAL B 187 -22.43 11.32 -0.79
CA VAL B 187 -22.64 11.12 -2.22
C VAL B 187 -21.87 9.87 -2.63
N LEU B 188 -22.60 8.82 -2.99
CA LEU B 188 -22.01 7.54 -3.36
C LEU B 188 -21.94 7.45 -4.88
N MET B 189 -20.72 7.29 -5.40
CA MET B 189 -20.50 7.35 -6.84
C MET B 189 -19.56 6.23 -7.28
N GLN B 190 -19.78 5.76 -8.50
CA GLN B 190 -18.87 4.88 -9.21
C GLN B 190 -17.89 5.72 -10.03
N PRO B 191 -16.76 5.14 -10.45
CA PRO B 191 -15.85 5.88 -11.33
C PRO B 191 -16.56 6.36 -12.59
N GLY B 192 -16.38 7.65 -12.90
CA GLY B 192 -17.04 8.27 -14.02
C GLY B 192 -18.30 9.04 -13.66
N ASP B 193 -18.93 8.73 -12.53
CA ASP B 193 -20.01 9.55 -12.03
C ASP B 193 -19.49 10.94 -11.67
N ALA B 194 -20.40 11.92 -11.67
CA ALA B 194 -20.02 13.29 -11.33
C ALA B 194 -21.06 13.92 -10.43
N LEU B 195 -20.58 14.66 -9.43
CA LEU B 195 -21.41 15.46 -8.55
C LEU B 195 -21.47 16.88 -9.07
N ILE B 196 -22.68 17.42 -9.20
CA ILE B 196 -22.87 18.79 -9.66
C ILE B 196 -22.97 19.70 -8.45
N LEU B 197 -22.07 20.67 -8.36
CA LEU B 197 -21.86 21.46 -7.14
C LEU B 197 -21.89 22.94 -7.45
N PRO B 198 -23.06 23.58 -7.39
CA PRO B 198 -23.10 25.04 -7.47
C PRO B 198 -22.36 25.68 -6.31
N GLY B 199 -21.99 26.95 -6.50
CA GLY B 199 -21.20 27.65 -5.50
C GLY B 199 -21.90 27.87 -4.18
N SER B 200 -23.24 27.79 -4.16
CA SER B 200 -24.01 28.05 -2.95
C SER B 200 -24.34 26.79 -2.16
N MET B 201 -23.99 25.61 -2.67
CA MET B 201 -24.32 24.36 -1.99
C MET B 201 -23.35 24.13 -0.83
N TRP B 202 -23.88 23.95 0.37
CA TRP B 202 -23.04 23.58 1.51
C TRP B 202 -22.61 22.13 1.38
N HIS B 203 -21.32 21.87 1.57
CA HIS B 203 -20.78 20.54 1.35
C HIS B 203 -19.42 20.44 2.02
N SER B 204 -18.89 19.22 2.07
CA SER B 204 -17.56 18.98 2.60
C SER B 204 -17.15 17.55 2.27
N ALA B 205 -15.84 17.35 2.14
CA ALA B 205 -15.31 16.00 2.08
C ALA B 205 -15.41 15.34 3.44
N GLY B 206 -15.71 14.05 3.45
CA GLY B 206 -15.78 13.29 4.68
C GLY B 206 -14.41 12.79 5.12
N ALA B 207 -14.40 12.13 6.26
CA ALA B 207 -13.19 11.48 6.73
C ALA B 207 -12.93 10.21 5.93
N ASN B 208 -11.68 10.00 5.53
CA ASN B 208 -11.29 8.80 4.82
C ASN B 208 -10.84 7.78 5.86
N ARG B 209 -11.74 6.88 6.24
CA ARG B 209 -11.48 5.88 7.26
C ARG B 209 -10.94 4.58 6.69
N THR B 210 -10.69 4.53 5.38
CA THR B 210 -10.12 3.34 4.74
C THR B 210 -8.62 3.50 4.56
N SER B 211 -7.98 2.41 4.15
CA SER B 211 -6.54 2.38 3.93
C SER B 211 -6.15 2.75 2.50
N GLU B 212 -7.10 3.20 1.69
CA GLU B 212 -6.82 3.55 0.31
C GLU B 212 -7.31 4.97 0.02
N TYR B 213 -6.69 5.59 -0.99
CA TYR B 213 -7.01 6.96 -1.34
C TYR B 213 -8.38 7.07 -1.99
N ARG B 214 -9.08 8.16 -1.68
CA ARG B 214 -10.28 8.56 -2.44
C ARG B 214 -9.84 9.58 -3.47
N ARG B 215 -10.01 9.23 -4.74
CA ARG B 215 -9.44 10.02 -5.83
C ARG B 215 -10.53 10.51 -6.77
N GLY B 216 -10.35 11.73 -7.26
CA GLY B 216 -11.23 12.31 -8.26
C GLY B 216 -10.62 13.61 -8.74
N PHE B 217 -11.33 14.25 -9.66
CA PHE B 217 -10.86 15.54 -10.17
C PHE B 217 -12.08 16.37 -10.56
N ALA B 218 -11.87 17.67 -10.64
CA ALA B 218 -12.98 18.60 -10.79
C ALA B 218 -12.70 19.60 -11.91
N THR B 219 -13.78 20.05 -12.53
CA THR B 219 -13.80 21.27 -13.33
C THR B 219 -14.73 22.26 -12.65
N SER B 220 -14.48 23.55 -12.91
CA SER B 220 -15.38 24.58 -12.43
C SER B 220 -15.42 25.70 -13.44
N PHE B 221 -16.61 26.29 -13.59
CA PHE B 221 -16.83 27.40 -14.49
C PHE B 221 -17.58 28.49 -13.74
N HIS B 222 -17.43 29.73 -14.21
CA HIS B 222 -18.08 30.87 -13.59
C HIS B 222 -18.18 31.98 -14.63
N PRO B 223 -19.03 33.01 -14.39
CA PRO B 223 -19.29 34.03 -15.43
C PRO B 223 -18.05 34.68 -16.01
N CYS B 224 -18.14 35.14 -17.26
CA CYS B 224 -16.98 35.71 -17.95
C CYS B 224 -16.47 36.98 -17.28
N HIS B 225 -17.32 37.69 -16.53
CA HIS B 225 -16.91 38.94 -15.91
C HIS B 225 -16.21 38.74 -14.57
N PHE B 226 -15.97 37.50 -14.17
CA PHE B 226 -15.25 37.20 -12.93
C PHE B 226 -13.89 36.60 -13.27
N THR B 227 -12.89 36.96 -12.47
CA THR B 227 -11.52 36.51 -12.70
C THR B 227 -11.36 35.05 -12.26
N PRO B 228 -10.89 34.17 -13.13
CA PRO B 228 -10.74 32.76 -12.76
C PRO B 228 -9.67 32.55 -11.70
N ILE B 229 -9.84 31.48 -10.92
CA ILE B 229 -8.81 31.07 -9.96
C ILE B 229 -7.49 30.83 -10.68
N GLU B 230 -7.54 30.20 -11.85
CA GLU B 230 -6.36 29.78 -12.58
C GLU B 230 -6.21 30.58 -13.87
N SER B 231 -4.99 31.03 -14.14
CA SER B 231 -4.63 31.55 -15.45
C SER B 231 -3.97 30.44 -16.26
N HIS B 232 -4.13 30.51 -17.59
CA HIS B 232 -3.47 29.57 -18.49
C HIS B 232 -2.53 30.28 -19.45
N HIS B 233 -2.11 31.51 -19.11
CA HIS B 233 -1.26 32.29 -19.99
C HIS B 233 0.12 31.67 -20.17
N HIS B 234 0.54 30.79 -19.27
CA HIS B 234 1.84 30.14 -19.34
C HIS B 234 1.86 28.88 -20.21
N LEU B 235 0.71 28.47 -20.74
CA LEU B 235 0.66 27.24 -21.52
C LEU B 235 1.39 27.43 -22.86
N PRO B 236 2.09 26.42 -23.35
CA PRO B 236 2.76 26.53 -24.64
C PRO B 236 1.76 26.73 -25.77
N ARG B 237 2.22 27.38 -26.85
CA ARG B 237 1.34 27.76 -27.94
C ARG B 237 0.76 26.54 -28.65
N GLU B 238 1.56 25.50 -28.85
CA GLU B 238 1.07 24.31 -29.53
C GLU B 238 -0.09 23.68 -28.77
N MET B 239 -0.08 23.81 -27.44
CA MET B 239 -1.19 23.30 -26.64
C MET B 239 -2.47 24.07 -26.93
N VAL B 240 -2.38 25.40 -26.95
CA VAL B 240 -3.55 26.23 -27.22
C VAL B 240 -4.11 25.95 -28.62
N GLU B 241 -3.23 25.63 -29.57
CA GLU B 241 -3.68 25.37 -30.93
C GLU B 241 -4.38 24.01 -31.03
N GLU B 242 -4.04 23.07 -30.15
CA GLU B 242 -4.77 21.80 -30.09
C GLU B 242 -6.21 21.98 -29.61
N MET B 243 -6.49 23.06 -28.91
CA MET B 243 -7.77 23.26 -28.26
C MET B 243 -8.86 23.59 -29.28
N THR B 244 -10.09 23.16 -28.97
CA THR B 244 -11.25 23.64 -29.71
C THR B 244 -11.44 25.12 -29.44
N PRO B 245 -12.13 25.84 -30.34
CA PRO B 245 -12.44 27.25 -30.05
C PRO B 245 -13.20 27.42 -28.75
N LEU B 246 -14.09 26.48 -28.41
CA LEU B 246 -14.81 26.55 -27.14
C LEU B 246 -13.86 26.51 -25.96
N VAL B 247 -12.91 25.57 -25.97
CA VAL B 247 -12.00 25.43 -24.85
C VAL B 247 -11.02 26.61 -24.80
N GLN B 248 -10.60 27.09 -25.97
CA GLN B 248 -9.77 28.28 -26.02
C GLN B 248 -10.41 29.45 -25.27
N LYS B 249 -11.72 29.61 -25.43
CA LYS B 249 -12.43 30.66 -24.69
C LYS B 249 -12.54 30.30 -23.22
N MET B 250 -12.76 29.01 -22.91
CA MET B 250 -12.82 28.59 -21.51
C MET B 250 -11.54 28.93 -20.77
N LEU B 251 -10.39 28.75 -21.42
CA LEU B 251 -9.09 28.86 -20.76
C LEU B 251 -8.46 30.25 -20.93
N GLY B 252 -9.22 31.24 -21.40
CA GLY B 252 -8.77 32.62 -21.37
C GLY B 252 -7.99 33.09 -22.56
N PHE B 253 -8.19 32.49 -23.73
CA PHE B 253 -7.46 32.89 -24.93
C PHE B 253 -8.35 33.60 -25.96
N ARG B 254 -9.60 33.90 -25.61
CA ARG B 254 -10.51 34.54 -26.55
C ARG B 254 -11.32 35.61 -25.83
N THR B 255 -11.73 36.62 -26.60
CA THR B 255 -12.52 37.72 -26.06
C THR B 255 -13.91 37.22 -25.67
N LEU B 256 -14.44 37.78 -24.58
CA LEU B 256 -15.68 37.31 -23.99
C LEU B 256 -16.80 38.32 -24.24
N ASN B 257 -18.00 37.79 -24.45
CA ASN B 257 -19.17 38.61 -24.75
C ASN B 257 -20.12 38.58 -23.55
N LEU B 258 -20.47 39.76 -23.04
CA LEU B 258 -21.38 39.87 -21.93
C LEU B 258 -22.82 39.66 -22.40
N HIS B 259 -23.75 39.73 -21.44
CA HIS B 259 -25.17 39.62 -21.76
C HIS B 259 -25.62 40.75 -22.69
N ASN B 260 -25.08 41.95 -22.51
CA ASN B 260 -25.47 43.13 -23.26
C ASN B 260 -24.65 43.35 -24.52
N ASN B 261 -23.92 42.32 -24.98
CA ASN B 261 -23.06 42.34 -26.15
C ASN B 261 -21.83 43.23 -25.99
N VAL B 262 -21.60 43.77 -24.79
CA VAL B 262 -20.32 44.41 -24.51
C VAL B 262 -19.25 43.34 -24.41
N LYS B 263 -18.06 43.64 -24.92
CA LYS B 263 -16.94 42.71 -24.89
C LYS B 263 -16.02 43.06 -23.73
N VAL B 264 -15.50 42.03 -23.06
CA VAL B 264 -14.42 42.17 -22.11
C VAL B 264 -13.31 41.22 -22.53
N TRP B 265 -12.14 41.35 -21.91
CA TRP B 265 -10.96 40.55 -22.27
C TRP B 265 -10.59 40.77 -23.73
N LYS B 266 -10.67 42.02 -24.17
CA LYS B 266 -10.38 42.39 -25.56
C LYS B 266 -8.91 42.75 -25.73
N ALA B 267 -8.47 42.70 -26.98
CA ALA B 267 -7.15 43.18 -27.37
C ALA B 267 -7.32 44.58 -27.93
N GLY B 268 -7.26 45.57 -27.04
CA GLY B 268 -7.50 46.95 -27.43
C GLY B 268 -8.90 47.17 -27.94
N GLU B 269 -9.05 47.21 -29.27
CA GLU B 269 -10.35 47.39 -29.90
C GLU B 269 -10.91 46.12 -30.51
N GLY B 270 -10.06 45.15 -30.83
CA GLY B 270 -10.48 43.92 -31.48
C GLY B 270 -10.50 42.75 -30.52
N ASN B 271 -10.54 41.56 -31.11
CA ASN B 271 -10.57 40.32 -30.34
C ASN B 271 -9.15 39.87 -30.00
N LEU B 272 -9.01 39.25 -28.82
CA LEU B 272 -7.70 38.75 -28.41
C LEU B 272 -7.21 37.65 -29.34
N GLU B 273 -8.13 36.82 -29.83
CA GLU B 273 -7.74 35.72 -30.71
C GLU B 273 -7.22 36.22 -32.05
N ASP B 274 -7.71 37.37 -32.52
CA ASP B 274 -7.17 37.96 -33.74
C ASP B 274 -5.80 38.59 -33.51
N ALA B 275 -5.62 39.23 -32.35
CA ALA B 275 -4.32 39.84 -32.05
C ALA B 275 -3.24 38.79 -31.87
N THR B 276 -3.58 37.60 -31.38
CA THR B 276 -2.62 36.53 -31.21
C THR B 276 -2.57 35.57 -32.38
N GLY B 277 -3.38 35.81 -33.42
CA GLY B 277 -3.34 34.97 -34.61
C GLY B 277 -3.78 33.54 -34.39
N LEU B 278 -4.70 33.31 -33.46
CA LEU B 278 -5.19 31.95 -33.20
C LEU B 278 -6.08 31.48 -34.35
N LEU B 285 -11.45 25.76 -42.50
CA LEU B 285 -11.54 26.21 -43.89
C LEU B 285 -10.54 25.45 -44.76
N ALA B 286 -9.28 25.42 -44.31
CA ALA B 286 -8.26 24.67 -45.04
C ALA B 286 -8.60 23.19 -45.10
N ALA B 287 -9.20 22.65 -44.03
CA ALA B 287 -9.61 21.25 -44.05
C ALA B 287 -10.82 21.04 -44.97
N ALA B 288 -11.66 22.06 -45.12
CA ALA B 288 -12.85 21.96 -45.96
C ALA B 288 -12.53 22.15 -47.45
N LEU B 289 -11.45 22.84 -47.79
CA LEU B 289 -11.10 23.13 -49.17
C LEU B 289 -9.77 22.45 -49.49
N GLU B 290 -9.80 21.51 -50.43
CA GLU B 290 -8.60 20.74 -50.76
C GLU B 290 -7.55 21.58 -51.48
N HIS B 291 -7.92 22.74 -52.03
CA HIS B 291 -7.00 23.59 -52.76
C HIS B 291 -6.24 24.57 -51.88
N HIS B 292 -6.53 24.60 -50.58
CA HIS B 292 -5.87 25.52 -49.66
C HIS B 292 -4.37 25.24 -49.57
N PRO C 2 -17.93 -3.89 -7.97
CA PRO C 2 -16.81 -4.26 -8.84
C PRO C 2 -16.53 -3.21 -9.91
N GLN C 3 -15.29 -3.16 -10.39
CA GLN C 3 -14.91 -2.23 -11.45
C GLN C 3 -13.68 -2.79 -12.15
N LEU C 4 -13.33 -2.15 -13.26
CA LEU C 4 -12.09 -2.47 -13.96
C LEU C 4 -10.93 -1.74 -13.30
N HIS C 5 -9.91 -2.48 -12.91
CA HIS C 5 -8.75 -1.93 -12.22
C HIS C 5 -7.52 -1.99 -13.12
N TYR C 6 -6.85 -0.85 -13.26
CA TYR C 6 -5.54 -0.78 -13.89
C TYR C 6 -4.50 -0.68 -12.78
N VAL C 7 -3.61 -1.67 -12.71
CA VAL C 7 -2.61 -1.73 -11.64
C VAL C 7 -1.22 -1.82 -12.25
N PRO C 8 -0.19 -1.34 -11.57
CA PRO C 8 1.17 -1.41 -12.12
C PRO C 8 1.80 -2.77 -11.87
N TYR C 9 2.99 -2.95 -12.46
CA TYR C 9 3.65 -4.26 -12.46
C TYR C 9 3.98 -4.72 -11.05
N ASP C 10 4.36 -3.79 -10.17
CA ASP C 10 4.82 -4.13 -8.83
C ASP C 10 3.70 -4.25 -7.81
N THR C 11 2.46 -4.42 -8.25
CA THR C 11 1.37 -4.64 -7.33
C THR C 11 1.60 -5.93 -6.56
N PRO C 12 1.37 -5.94 -5.24
CA PRO C 12 1.49 -7.20 -4.50
C PRO C 12 0.52 -8.25 -5.03
N VAL C 13 1.03 -9.48 -5.16
CA VAL C 13 0.22 -10.56 -5.72
C VAL C 13 -1.03 -10.78 -4.87
N GLU C 14 -0.97 -10.45 -3.57
CA GLU C 14 -2.15 -10.54 -2.73
C GLU C 14 -3.25 -9.60 -3.23
N ASP C 15 -2.87 -8.40 -3.66
CA ASP C 15 -3.86 -7.44 -4.15
C ASP C 15 -4.42 -7.86 -5.50
N VAL C 16 -3.61 -8.51 -6.35
CA VAL C 16 -4.10 -8.99 -7.64
C VAL C 16 -5.14 -10.09 -7.44
N MET C 17 -4.84 -11.04 -6.55
CA MET C 17 -5.80 -12.11 -6.29
C MET C 17 -7.08 -11.58 -5.67
N ARG C 18 -6.97 -10.57 -4.80
CA ARG C 18 -8.16 -9.96 -4.22
C ARG C 18 -9.00 -9.26 -5.29
N ILE C 19 -8.34 -8.53 -6.19
CA ILE C 19 -9.06 -7.88 -7.29
C ILE C 19 -9.70 -8.93 -8.19
N LEU C 20 -9.01 -10.05 -8.41
CA LEU C 20 -9.58 -11.14 -9.20
C LEU C 20 -10.81 -11.75 -8.53
N LYS C 21 -10.75 -11.94 -7.21
CA LYS C 21 -11.92 -12.49 -6.53
C LYS C 21 -13.08 -11.51 -6.52
N GLU C 22 -12.79 -10.22 -6.32
CA GLU C 22 -13.84 -9.22 -6.23
C GLU C 22 -14.42 -8.88 -7.60
N SER C 23 -13.56 -8.52 -8.56
CA SER C 23 -14.01 -8.01 -9.83
C SER C 23 -13.88 -8.98 -11.00
N GLY C 24 -13.15 -10.08 -10.83
CA GLY C 24 -13.08 -11.10 -11.85
C GLY C 24 -12.18 -10.79 -13.03
N THR C 25 -11.41 -9.70 -12.98
CA THR C 25 -10.55 -9.29 -14.08
C THR C 25 -9.73 -8.09 -13.59
N LEU C 26 -8.68 -7.77 -14.36
CA LEU C 26 -7.88 -6.57 -14.13
C LEU C 26 -6.86 -6.46 -15.26
N VAL C 27 -6.22 -5.30 -15.32
CA VAL C 27 -5.11 -5.05 -16.23
C VAL C 27 -3.85 -4.88 -15.41
N ILE C 28 -2.79 -5.58 -15.80
CA ILE C 28 -1.46 -5.37 -15.23
C ILE C 28 -0.63 -4.62 -16.26
N ARG C 29 -0.25 -3.39 -15.93
CA ARG C 29 0.44 -2.55 -16.89
C ARG C 29 1.92 -2.91 -16.96
N ASN C 30 2.49 -2.76 -18.16
CA ASN C 30 3.89 -3.12 -18.42
C ASN C 30 4.16 -4.57 -18.01
N PHE C 31 3.20 -5.43 -18.33
CA PHE C 31 3.34 -6.87 -18.10
C PHE C 31 4.54 -7.42 -18.86
N LEU C 32 4.66 -7.06 -20.15
CA LEU C 32 5.81 -7.35 -20.97
C LEU C 32 6.47 -6.05 -21.39
N ASP C 33 7.77 -6.08 -21.59
CA ASP C 33 8.43 -4.91 -22.15
C ASP C 33 8.22 -4.87 -23.66
N GLN C 34 8.50 -3.70 -24.23
CA GLN C 34 8.17 -3.46 -25.64
C GLN C 34 8.95 -4.40 -26.55
N ASN C 35 10.21 -4.70 -26.21
CA ASN C 35 11.02 -5.53 -27.09
C ASN C 35 10.53 -6.98 -27.11
N THR C 36 10.05 -7.48 -25.97
CA THR C 36 9.44 -8.81 -25.97
C THR C 36 8.20 -8.84 -26.86
N VAL C 37 7.46 -7.74 -26.82
CA VAL C 37 6.22 -7.60 -27.65
C VAL C 37 6.62 -7.60 -29.13
N GLN C 38 7.79 -7.04 -29.45
CA GLN C 38 8.24 -7.00 -30.85
C GLN C 38 8.78 -8.35 -31.30
N LYS C 39 9.54 -9.04 -30.43
CA LYS C 39 10.16 -10.30 -30.82
C LYS C 39 9.11 -11.37 -31.12
N VAL C 40 8.06 -11.44 -30.30
CA VAL C 40 7.02 -12.44 -30.54
C VAL C 40 6.36 -12.21 -31.89
N GLN C 41 6.01 -10.97 -32.20
CA GLN C 41 5.42 -10.67 -33.50
C GLN C 41 6.40 -10.94 -34.63
N ASP C 42 7.67 -10.56 -34.45
CA ASP C 42 8.68 -10.82 -35.48
C ASP C 42 8.80 -12.30 -35.78
N GLU C 43 8.84 -13.13 -34.72
CA GLU C 43 9.05 -14.56 -34.91
C GLU C 43 7.85 -15.21 -35.60
N VAL C 44 6.64 -14.77 -35.25
CA VAL C 44 5.44 -15.30 -35.92
C VAL C 44 5.42 -14.85 -37.37
N ASP C 45 5.77 -13.59 -37.64
CA ASP C 45 5.83 -13.12 -39.02
C ASP C 45 6.81 -13.93 -39.85
N ASP C 46 7.95 -14.30 -39.26
CA ASP C 46 8.93 -15.10 -39.97
C ASP C 46 8.41 -16.49 -40.27
N TYR C 47 7.62 -17.07 -39.36
CA TYR C 47 7.19 -18.45 -39.53
C TYR C 47 6.11 -18.56 -40.61
N VAL C 48 5.11 -17.69 -40.57
CA VAL C 48 3.99 -17.75 -41.50
C VAL C 48 4.24 -16.88 -42.73
N ARG C 49 5.48 -16.47 -42.96
CA ARG C 49 5.79 -15.53 -44.04
C ARG C 49 5.49 -16.15 -45.39
N ASN C 50 4.71 -15.42 -46.20
CA ASN C 50 4.39 -15.86 -47.54
C ASN C 50 5.57 -15.66 -48.48
N TRP C 51 5.46 -16.25 -49.67
CA TRP C 51 6.37 -15.91 -50.75
C TRP C 51 6.22 -14.43 -51.09
N ASN C 52 7.34 -13.77 -51.40
CA ASN C 52 7.33 -12.35 -51.66
C ASN C 52 7.77 -12.08 -53.09
N PRO C 53 7.03 -11.26 -53.85
CA PRO C 53 7.37 -11.05 -55.27
C PRO C 53 8.75 -10.45 -55.48
N GLY C 54 9.02 -9.31 -54.86
CA GLY C 54 10.26 -8.59 -55.06
C GLY C 54 10.01 -7.28 -55.76
N PRO C 55 11.08 -6.54 -56.04
CA PRO C 55 10.93 -5.22 -56.68
C PRO C 55 10.39 -5.31 -58.11
N LYS C 56 11.02 -6.13 -58.96
CA LYS C 56 10.66 -6.21 -60.36
C LYS C 56 10.84 -7.65 -60.84
N TYR C 57 10.39 -7.91 -62.06
CA TYR C 57 10.56 -9.22 -62.67
C TYR C 57 12.04 -9.50 -62.93
N ASN C 58 12.46 -10.72 -62.62
CA ASN C 58 13.85 -11.11 -62.81
C ASN C 58 13.95 -12.54 -63.33
N GLN C 70 1.33 -22.65 -42.55
CA GLN C 70 0.14 -22.28 -41.79
C GLN C 70 0.50 -22.00 -40.34
N PRO C 71 -0.25 -21.10 -39.70
CA PRO C 71 0.01 -20.81 -38.28
C PRO C 71 -0.20 -22.05 -37.42
N SER C 72 0.78 -22.32 -36.56
CA SER C 72 0.68 -23.43 -35.62
C SER C 72 0.74 -22.91 -34.18
N ASN C 73 1.19 -23.75 -33.25
CA ASN C 73 1.29 -23.34 -31.85
C ASN C 73 2.27 -22.18 -31.72
N LEU C 74 1.90 -21.21 -30.87
CA LEU C 74 2.79 -20.07 -30.62
C LEU C 74 4.14 -20.51 -30.06
N SER C 75 4.16 -21.57 -29.26
CA SER C 75 5.42 -22.09 -28.74
C SER C 75 6.30 -22.66 -29.84
N LEU C 76 5.70 -23.03 -30.97
CA LEU C 76 6.43 -23.57 -32.11
C LEU C 76 6.95 -22.46 -33.02
N MET C 77 6.15 -21.42 -33.26
CA MET C 77 6.56 -20.35 -34.16
C MET C 77 7.54 -19.38 -33.51
N SER C 78 7.44 -19.15 -32.20
CA SER C 78 8.15 -18.07 -31.54
C SER C 78 9.05 -18.63 -30.44
N LYS C 79 10.36 -18.53 -30.64
CA LYS C 79 11.30 -18.91 -29.59
C LYS C 79 11.14 -18.03 -28.35
N THR C 80 10.79 -16.75 -28.55
CA THR C 80 10.56 -15.86 -27.41
C THR C 80 9.36 -16.31 -26.58
N TYR C 81 8.33 -16.84 -27.25
CA TYR C 81 7.13 -17.30 -26.54
C TYR C 81 7.46 -18.47 -25.63
N ARG C 82 8.18 -19.47 -26.15
CA ARG C 82 8.46 -20.66 -25.37
C ARG C 82 9.61 -20.48 -24.39
N CYS C 83 10.49 -19.50 -24.61
CA CYS C 83 11.65 -19.29 -23.74
C CYS C 83 11.44 -18.19 -22.71
N GLU C 84 10.77 -17.10 -23.08
CA GLU C 84 10.58 -15.96 -22.19
C GLU C 84 9.15 -15.85 -21.66
N VAL C 85 8.16 -15.83 -22.56
CA VAL C 85 6.79 -15.52 -22.14
C VAL C 85 6.25 -16.62 -21.23
N LEU C 86 6.44 -17.89 -21.60
CA LEU C 86 5.87 -18.96 -20.80
C LEU C 86 6.57 -19.14 -19.45
N ASN C 87 7.67 -18.43 -19.19
CA ASN C 87 8.29 -18.39 -17.88
C ASN C 87 7.90 -17.16 -17.08
N HIS C 88 6.91 -16.40 -17.55
CA HIS C 88 6.57 -15.11 -16.94
C HIS C 88 6.20 -15.28 -15.48
N PRO C 89 6.87 -14.58 -14.56
CA PRO C 89 6.60 -14.82 -13.13
C PRO C 89 5.21 -14.43 -12.69
N TRP C 90 4.56 -13.47 -13.36
CA TRP C 90 3.20 -13.12 -12.99
C TRP C 90 2.23 -14.24 -13.34
N MET C 91 2.40 -14.85 -14.52
CA MET C 91 1.51 -15.93 -14.93
C MET C 91 1.55 -17.07 -13.93
N HIS C 92 2.75 -17.46 -13.50
CA HIS C 92 2.87 -18.60 -12.61
C HIS C 92 2.52 -18.24 -11.17
N ALA C 93 2.76 -17.00 -10.75
CA ALA C 93 2.32 -16.59 -9.42
C ALA C 93 0.80 -16.64 -9.31
N ILE C 94 0.10 -16.19 -10.36
CA ILE C 94 -1.36 -16.19 -10.33
C ILE C 94 -1.89 -17.61 -10.47
N CYS C 95 -1.33 -18.39 -11.40
CA CYS C 95 -1.81 -19.75 -11.63
C CYS C 95 -1.60 -20.63 -10.41
N GLU C 96 -0.46 -20.47 -9.73
CA GLU C 96 -0.19 -21.28 -8.55
C GLU C 96 -1.24 -21.05 -7.47
N ARG C 97 -1.64 -19.79 -7.25
CA ARG C 97 -2.64 -19.49 -6.25
C ARG C 97 -4.05 -19.82 -6.70
N MET C 98 -4.29 -19.86 -8.01
CA MET C 98 -5.63 -20.13 -8.52
C MET C 98 -5.91 -21.63 -8.59
N PHE C 99 -4.94 -22.42 -9.04
CA PHE C 99 -5.13 -23.85 -9.27
C PHE C 99 -4.43 -24.73 -8.25
N GLY C 100 -3.36 -24.25 -7.63
CA GLY C 100 -2.55 -25.03 -6.73
C GLY C 100 -3.29 -25.75 -5.61
N PRO C 101 -4.00 -24.99 -4.77
CA PRO C 101 -4.64 -25.62 -3.60
C PRO C 101 -5.70 -26.65 -3.95
N THR C 102 -6.37 -26.50 -5.09
CA THR C 102 -7.45 -27.42 -5.46
C THR C 102 -6.96 -28.57 -6.34
N TYR C 103 -6.04 -28.30 -7.26
CA TYR C 103 -5.61 -29.29 -8.24
C TYR C 103 -4.13 -29.63 -8.19
N GLY C 104 -3.31 -28.82 -7.52
CA GLY C 104 -1.88 -29.03 -7.59
C GLY C 104 -1.30 -28.39 -8.84
N ASP C 105 -0.83 -29.23 -9.77
CA ASP C 105 -0.19 -28.71 -10.96
C ASP C 105 -1.22 -28.09 -11.92
N TYR C 106 -0.73 -27.17 -12.74
CA TYR C 106 -1.47 -26.62 -13.87
C TYR C 106 -0.58 -26.77 -15.10
N TRP C 107 -1.16 -26.54 -16.28
CA TRP C 107 -0.36 -26.52 -17.49
C TRP C 107 -1.04 -25.67 -18.56
N PHE C 108 -0.31 -25.48 -19.66
CA PHE C 108 -0.74 -24.61 -20.74
C PHE C 108 -2.02 -25.15 -21.38
N ASN C 109 -2.98 -24.25 -21.60
CA ASN C 109 -4.24 -24.61 -22.21
C ASN C 109 -4.23 -24.32 -23.71
N GLY C 110 -4.00 -23.07 -24.08
CA GLY C 110 -3.94 -22.67 -25.48
C GLY C 110 -3.53 -21.22 -25.56
N GLY C 111 -3.10 -20.83 -26.77
CA GLY C 111 -2.72 -19.46 -27.02
C GLY C 111 -2.62 -19.15 -28.50
N SER C 112 -3.02 -17.94 -28.90
CA SER C 112 -2.99 -17.56 -30.29
C SER C 112 -2.76 -16.06 -30.41
N ILE C 113 -2.45 -15.63 -31.63
CA ILE C 113 -2.41 -14.21 -31.96
C ILE C 113 -3.84 -13.74 -32.24
N LEU C 114 -4.17 -12.56 -31.76
CA LEU C 114 -5.52 -12.00 -31.89
C LEU C 114 -5.45 -10.81 -32.84
N HIS C 115 -5.84 -11.03 -34.10
CA HIS C 115 -5.82 -10.02 -35.14
C HIS C 115 -7.25 -9.58 -35.44
N LEU C 116 -7.57 -8.33 -35.14
CA LEU C 116 -8.88 -7.76 -35.40
C LEU C 116 -8.80 -6.88 -36.64
N GLU C 117 -9.40 -7.35 -37.74
CA GLU C 117 -9.34 -6.63 -38.99
C GLU C 117 -10.22 -5.38 -38.94
N PRO C 118 -9.82 -4.31 -39.62
CA PRO C 118 -10.66 -3.11 -39.68
C PRO C 118 -12.02 -3.42 -40.29
N GLY C 119 -13.07 -2.95 -39.64
CA GLY C 119 -14.42 -3.24 -40.06
C GLY C 119 -15.05 -4.45 -39.42
N GLU C 120 -14.36 -5.11 -38.48
CA GLU C 120 -14.94 -6.24 -37.79
C GLU C 120 -16.05 -5.77 -36.86
N ASN C 121 -17.16 -6.51 -36.83
CA ASN C 121 -18.23 -6.22 -35.91
C ASN C 121 -17.87 -6.70 -34.51
N THR C 122 -18.75 -6.41 -33.55
CA THR C 122 -18.51 -6.84 -32.18
C THR C 122 -18.61 -8.35 -32.07
N GLN C 123 -17.67 -8.93 -31.35
CA GLN C 123 -17.66 -10.36 -31.07
C GLN C 123 -18.72 -10.68 -30.02
N PRO C 124 -19.41 -11.82 -30.14
CA PRO C 124 -20.41 -12.18 -29.12
C PRO C 124 -19.79 -12.27 -27.74
N ILE C 125 -20.52 -11.80 -26.73
CA ILE C 125 -20.05 -11.78 -25.36
C ILE C 125 -20.13 -13.20 -24.79
N HIS C 126 -19.08 -13.61 -24.08
CA HIS C 126 -18.94 -15.01 -23.71
C HIS C 126 -18.04 -15.14 -22.50
N GLN C 127 -18.14 -16.30 -21.84
CA GLN C 127 -17.13 -16.77 -20.89
C GLN C 127 -16.25 -17.78 -21.60
N ASP C 128 -14.94 -17.72 -21.34
CA ASP C 128 -14.03 -18.61 -22.04
C ASP C 128 -14.23 -20.07 -21.67
N HIS C 129 -14.76 -20.34 -20.48
CA HIS C 129 -14.91 -21.72 -20.02
C HIS C 129 -16.19 -22.38 -20.54
N VAL C 130 -16.89 -21.74 -21.48
CA VAL C 130 -18.18 -22.26 -21.94
C VAL C 130 -18.02 -23.62 -22.61
N PHE C 131 -16.87 -23.88 -23.23
CA PHE C 131 -16.69 -25.16 -23.90
C PHE C 131 -16.36 -26.30 -22.96
N TYR C 132 -16.16 -26.03 -21.67
CA TYR C 132 -16.04 -27.10 -20.69
C TYR C 132 -17.42 -27.60 -20.31
N GLN C 133 -17.65 -28.90 -20.46
CA GLN C 133 -18.91 -29.47 -20.01
C GLN C 133 -19.08 -29.31 -18.51
N ILE C 134 -17.99 -29.42 -17.75
CA ILE C 134 -18.05 -29.36 -16.28
C ILE C 134 -18.26 -27.94 -15.77
N SER C 135 -18.39 -26.95 -16.65
CA SER C 135 -18.77 -25.62 -16.17
C SER C 135 -20.20 -25.61 -15.66
N LYS C 136 -21.03 -26.56 -16.10
CA LYS C 136 -22.39 -26.67 -15.57
C LYS C 136 -22.40 -27.21 -14.14
N TRP C 137 -21.39 -28.01 -13.77
CA TRP C 137 -21.28 -28.49 -12.40
C TRP C 137 -20.72 -27.42 -11.47
N ARG C 138 -19.93 -26.50 -12.01
CA ARG C 138 -19.17 -25.56 -11.20
C ARG C 138 -20.07 -24.46 -10.67
N ARG C 139 -19.75 -23.99 -9.47
CA ARG C 139 -20.39 -22.84 -8.86
C ARG C 139 -19.46 -21.63 -8.87
N PRO C 140 -19.99 -20.41 -8.84
CA PRO C 140 -19.11 -19.22 -8.96
C PRO C 140 -18.08 -19.11 -7.84
N THR C 141 -18.27 -19.81 -6.72
CA THR C 141 -17.30 -19.79 -5.64
C THR C 141 -16.19 -20.82 -5.82
N ASP C 142 -16.33 -21.74 -6.77
CA ASP C 142 -15.28 -22.70 -7.06
C ASP C 142 -14.15 -22.04 -7.82
N PRO C 143 -12.95 -22.63 -7.80
CA PRO C 143 -11.86 -22.09 -8.61
C PRO C 143 -12.20 -22.12 -10.10
N ASP C 144 -11.57 -21.23 -10.85
CA ASP C 144 -11.84 -21.14 -12.27
C ASP C 144 -11.34 -22.37 -13.01
N LEU C 145 -11.98 -22.68 -14.13
CA LEU C 145 -11.60 -23.80 -14.97
C LEU C 145 -10.40 -23.49 -15.84
N THR C 146 -10.09 -22.22 -16.06
CA THR C 146 -9.02 -21.77 -16.94
C THR C 146 -8.81 -20.29 -16.69
N ILE C 147 -7.64 -19.78 -17.08
CA ILE C 147 -7.33 -18.36 -17.00
C ILE C 147 -6.52 -17.96 -18.22
N ASN C 148 -6.83 -16.77 -18.75
CA ASN C 148 -6.24 -16.26 -19.97
C ASN C 148 -5.48 -14.98 -19.67
N PHE C 149 -4.34 -14.82 -20.33
CA PHE C 149 -3.54 -13.60 -20.28
C PHE C 149 -3.48 -13.01 -21.69
N THR C 150 -4.25 -11.95 -21.93
CA THR C 150 -4.31 -11.32 -23.24
C THR C 150 -3.38 -10.11 -23.21
N MET C 151 -2.28 -10.19 -23.94
CA MET C 151 -1.26 -9.15 -23.98
C MET C 151 -1.40 -8.31 -25.24
N ALA C 152 -1.28 -7.00 -25.07
CA ALA C 152 -1.46 -6.07 -26.19
C ALA C 152 -0.20 -6.02 -27.05
N LEU C 153 -0.37 -6.24 -28.35
CA LEU C 153 0.69 -6.00 -29.32
C LEU C 153 0.59 -4.58 -29.88
N THR C 154 -0.55 -4.26 -30.49
CA THR C 154 -0.89 -2.88 -30.77
C THR C 154 -1.56 -2.27 -29.55
N GLU C 155 -1.90 -0.99 -29.67
CA GLU C 155 -2.73 -0.34 -28.68
C GLU C 155 -4.12 -0.96 -28.69
N PHE C 156 -4.73 -1.09 -27.51
CA PHE C 156 -6.14 -1.44 -27.38
C PHE C 156 -6.91 -0.18 -27.05
N THR C 157 -7.71 0.30 -28.00
CA THR C 157 -8.57 1.45 -27.79
C THR C 157 -10.03 1.03 -27.88
N VAL C 158 -10.90 1.92 -27.41
CA VAL C 158 -12.33 1.68 -27.54
C VAL C 158 -12.71 1.51 -29.00
N GLU C 159 -12.14 2.34 -29.88
CA GLU C 159 -12.56 2.42 -31.26
C GLU C 159 -11.96 1.34 -32.15
N ASN C 160 -10.83 0.76 -31.77
CA ASN C 160 -10.21 -0.28 -32.59
C ASN C 160 -10.60 -1.69 -32.13
N GLY C 161 -11.62 -1.81 -31.28
CA GLY C 161 -12.11 -3.12 -30.89
C GLY C 161 -11.45 -3.73 -29.69
N GLY C 162 -10.84 -2.93 -28.82
CA GLY C 162 -10.24 -3.43 -27.60
C GLY C 162 -11.22 -4.24 -26.78
N THR C 163 -10.74 -5.30 -26.15
CA THR C 163 -11.63 -6.22 -25.46
C THR C 163 -12.41 -5.50 -24.36
N ARG C 164 -13.66 -5.92 -24.18
CA ARG C 164 -14.54 -5.36 -23.17
C ARG C 164 -14.86 -6.44 -22.15
N VAL C 165 -14.86 -6.05 -20.87
CA VAL C 165 -15.19 -6.97 -19.78
C VAL C 165 -16.43 -6.45 -19.07
N CYS C 166 -16.97 -7.28 -18.19
CA CYS C 166 -18.12 -6.93 -17.36
C CYS C 166 -17.74 -7.24 -15.91
N PRO C 167 -17.09 -6.30 -15.22
CA PRO C 167 -16.59 -6.60 -13.86
C PRO C 167 -17.70 -7.07 -12.95
N GLY C 168 -17.43 -8.15 -12.22
CA GLY C 168 -18.39 -8.76 -11.33
C GLY C 168 -19.20 -9.88 -11.94
N SER C 169 -19.26 -9.97 -13.26
CA SER C 169 -20.06 -11.00 -13.91
C SER C 169 -19.50 -12.41 -13.73
N HIS C 170 -18.29 -12.54 -13.16
CA HIS C 170 -17.75 -13.86 -12.87
C HIS C 170 -18.46 -14.54 -11.70
N LEU C 171 -19.27 -13.80 -10.94
CA LEU C 171 -19.96 -14.34 -9.77
C LEU C 171 -21.41 -14.68 -10.06
N TRP C 172 -21.86 -14.55 -11.30
CA TRP C 172 -23.22 -14.92 -11.66
C TRP C 172 -23.36 -16.44 -11.73
N GLU C 173 -24.58 -16.92 -11.50
CA GLU C 173 -24.85 -18.34 -11.65
C GLU C 173 -24.67 -18.75 -13.11
N ASN C 174 -24.47 -20.06 -13.32
CA ASN C 174 -24.03 -20.54 -14.62
C ASN C 174 -25.07 -20.28 -15.71
N GLY C 175 -26.35 -20.40 -15.38
CA GLY C 175 -27.38 -20.17 -16.38
C GLY C 175 -27.69 -18.72 -16.68
N HIS C 176 -26.91 -17.78 -16.13
CA HIS C 176 -27.21 -16.37 -16.28
C HIS C 176 -27.13 -15.94 -17.74
N ALA C 177 -28.01 -15.02 -18.12
CA ALA C 177 -27.96 -14.44 -19.45
C ALA C 177 -26.68 -13.63 -19.64
N SER C 178 -26.33 -13.41 -20.91
CA SER C 178 -25.17 -12.60 -21.23
C SER C 178 -25.35 -11.18 -20.70
N PRO C 179 -24.26 -10.49 -20.38
CA PRO C 179 -24.38 -9.06 -20.05
C PRO C 179 -24.91 -8.28 -21.24
N ALA C 180 -25.65 -7.22 -20.95
CA ALA C 180 -26.09 -6.32 -22.00
C ALA C 180 -24.90 -5.57 -22.57
N GLU C 181 -24.99 -5.24 -23.87
CA GLU C 181 -23.91 -4.55 -24.54
C GLU C 181 -23.57 -3.24 -23.83
N GLU C 182 -24.56 -2.58 -23.23
CA GLU C 182 -24.33 -1.35 -22.48
C GLU C 182 -23.68 -1.59 -21.13
N ASP C 183 -23.55 -2.85 -20.69
CA ASP C 183 -22.87 -3.17 -19.44
C ASP C 183 -21.38 -3.45 -19.63
N MET C 184 -20.88 -3.40 -20.86
CA MET C 184 -19.53 -3.85 -21.16
C MET C 184 -18.55 -2.70 -21.03
N VAL C 185 -17.45 -2.95 -20.31
CA VAL C 185 -16.44 -1.93 -20.02
C VAL C 185 -15.24 -2.18 -20.92
N PRO C 186 -14.87 -1.25 -21.80
CA PRO C 186 -13.72 -1.49 -22.68
C PRO C 186 -12.41 -1.41 -21.92
N VAL C 187 -11.42 -2.15 -22.42
CA VAL C 187 -10.10 -2.23 -21.82
C VAL C 187 -9.12 -1.48 -22.72
N LEU C 188 -8.45 -0.48 -22.16
CA LEU C 188 -7.49 0.31 -22.92
C LEU C 188 -6.08 -0.02 -22.44
N MET C 189 -5.23 -0.45 -23.36
CA MET C 189 -3.90 -0.93 -23.04
C MET C 189 -2.89 -0.37 -24.04
N GLN C 190 -1.68 -0.15 -23.54
CA GLN C 190 -0.54 0.10 -24.40
C GLN C 190 0.16 -1.22 -24.71
N PRO C 191 1.00 -1.27 -25.76
CA PRO C 191 1.79 -2.48 -26.00
C PRO C 191 2.59 -2.90 -24.78
N GLY C 192 2.34 -4.12 -24.30
CA GLY C 192 2.99 -4.64 -23.12
C GLY C 192 2.06 -4.86 -21.94
N ASP C 193 0.93 -4.17 -21.89
CA ASP C 193 -0.05 -4.41 -20.85
C ASP C 193 -0.75 -5.75 -21.09
N ALA C 194 -1.25 -6.35 -20.01
CA ALA C 194 -1.97 -7.61 -20.10
C ALA C 194 -3.29 -7.51 -19.37
N LEU C 195 -4.32 -8.11 -19.96
CA LEU C 195 -5.62 -8.25 -19.33
C LEU C 195 -5.74 -9.66 -18.77
N ILE C 196 -5.98 -9.78 -17.47
CA ILE C 196 -6.12 -11.07 -16.81
C ILE C 196 -7.57 -11.51 -16.94
N LEU C 197 -7.78 -12.66 -17.58
CA LEU C 197 -9.11 -13.13 -17.96
C LEU C 197 -9.39 -14.50 -17.38
N PRO C 198 -10.00 -14.59 -16.20
CA PRO C 198 -10.50 -15.88 -15.74
C PRO C 198 -11.57 -16.43 -16.67
N GLY C 199 -11.75 -17.75 -16.62
CA GLY C 199 -12.69 -18.41 -17.52
C GLY C 199 -14.13 -18.03 -17.31
N SER C 200 -14.46 -17.45 -16.16
CA SER C 200 -15.83 -17.07 -15.84
C SER C 200 -16.15 -15.62 -16.18
N MET C 201 -15.14 -14.80 -16.50
CA MET C 201 -15.37 -13.39 -16.81
C MET C 201 -16.05 -13.27 -18.17
N TRP C 202 -17.24 -12.66 -18.19
CA TRP C 202 -17.91 -12.37 -19.45
C TRP C 202 -17.17 -11.26 -20.17
N HIS C 203 -16.87 -11.47 -21.45
CA HIS C 203 -16.06 -10.52 -22.20
C HIS C 203 -16.31 -10.71 -23.68
N SER C 204 -15.82 -9.76 -24.47
CA SER C 204 -15.93 -9.82 -25.91
C SER C 204 -15.03 -8.76 -26.52
N ALA C 205 -14.50 -9.05 -27.70
CA ALA C 205 -13.79 -8.05 -28.46
C ALA C 205 -14.76 -7.05 -29.07
N GLY C 206 -14.34 -5.80 -29.16
CA GLY C 206 -15.17 -4.76 -29.72
C GLY C 206 -15.11 -4.74 -31.22
N ALA C 207 -15.93 -3.85 -31.80
CA ALA C 207 -15.87 -3.60 -33.23
C ALA C 207 -14.69 -2.69 -33.54
N ASN C 208 -13.93 -3.04 -34.57
CA ASN C 208 -12.80 -2.22 -35.00
C ASN C 208 -13.31 -1.17 -35.97
N ARG C 209 -13.55 0.03 -35.45
CA ARG C 209 -14.02 1.15 -36.25
C ARG C 209 -12.88 2.04 -36.76
N THR C 210 -11.66 1.51 -36.81
CA THR C 210 -10.49 2.25 -37.26
C THR C 210 -9.95 1.61 -38.54
N SER C 211 -8.90 2.22 -39.08
CA SER C 211 -8.27 1.76 -40.31
C SER C 211 -7.10 0.82 -40.07
N GLU C 212 -6.69 0.62 -38.82
CA GLU C 212 -5.52 -0.19 -38.49
C GLU C 212 -5.94 -1.43 -37.71
N TYR C 213 -5.21 -2.52 -37.93
CA TYR C 213 -5.44 -3.76 -37.20
C TYR C 213 -5.24 -3.54 -35.71
N ARG C 214 -6.13 -4.10 -34.91
CA ARG C 214 -5.90 -4.27 -33.48
C ARG C 214 -5.28 -5.65 -33.27
N ARG C 215 -4.12 -5.69 -32.62
CA ARG C 215 -3.36 -6.93 -32.51
C ARG C 215 -2.94 -7.17 -31.06
N GLY C 216 -3.06 -8.42 -30.63
CA GLY C 216 -2.61 -8.87 -29.33
C GLY C 216 -2.35 -10.36 -29.42
N PHE C 217 -1.91 -10.93 -28.30
CA PHE C 217 -1.71 -12.37 -28.24
C PHE C 217 -1.91 -12.84 -26.81
N ALA C 218 -2.18 -14.14 -26.66
CA ALA C 218 -2.64 -14.67 -25.40
C ALA C 218 -1.85 -15.90 -24.98
N THR C 219 -1.77 -16.09 -23.66
CA THR C 219 -1.47 -17.37 -23.06
C THR C 219 -2.68 -17.77 -22.22
N SER C 220 -2.80 -19.06 -21.94
CA SER C 220 -3.85 -19.54 -21.05
C SER C 220 -3.39 -20.83 -20.37
N PHE C 221 -3.77 -20.98 -19.11
CA PHE C 221 -3.44 -22.13 -18.30
C PHE C 221 -4.71 -22.67 -17.64
N HIS C 222 -4.66 -23.94 -17.24
CA HIS C 222 -5.80 -24.58 -16.60
C HIS C 222 -5.30 -25.80 -15.83
N PRO C 223 -6.13 -26.38 -14.96
CA PRO C 223 -5.64 -27.46 -14.08
C PRO C 223 -5.08 -28.64 -14.86
N CYS C 224 -4.13 -29.33 -14.22
CA CYS C 224 -3.42 -30.42 -14.88
C CYS C 224 -4.34 -31.56 -15.26
N HIS C 225 -5.46 -31.73 -14.55
CA HIS C 225 -6.37 -32.83 -14.82
C HIS C 225 -7.32 -32.55 -15.97
N PHE C 226 -7.17 -31.43 -16.66
CA PHE C 226 -7.99 -31.09 -17.82
C PHE C 226 -7.13 -31.15 -19.08
N THR C 227 -7.74 -31.62 -20.16
CA THR C 227 -7.03 -31.76 -21.44
C THR C 227 -6.87 -30.40 -22.10
N PRO C 228 -5.65 -30.02 -22.51
CA PRO C 228 -5.46 -28.72 -23.13
C PRO C 228 -6.05 -28.66 -24.53
N ILE C 229 -6.39 -27.43 -24.94
CA ILE C 229 -6.83 -27.19 -26.31
C ILE C 229 -5.75 -27.60 -27.30
N GLU C 230 -4.49 -27.32 -26.97
CA GLU C 230 -3.37 -27.53 -27.87
C GLU C 230 -2.47 -28.64 -27.33
N SER C 231 -2.12 -29.58 -28.21
CA SER C 231 -1.02 -30.49 -27.94
C SER C 231 0.27 -29.90 -28.52
N HIS C 232 1.40 -30.27 -27.92
CA HIS C 232 2.70 -29.83 -28.41
C HIS C 232 3.61 -31.01 -28.72
N HIS C 233 3.05 -32.22 -28.81
CA HIS C 233 3.83 -33.42 -29.03
C HIS C 233 4.45 -33.48 -30.43
N HIS C 234 3.98 -32.67 -31.36
CA HIS C 234 4.56 -32.59 -32.70
C HIS C 234 5.77 -31.68 -32.76
N LEU C 235 6.12 -31.02 -31.66
CA LEU C 235 7.23 -30.07 -31.71
C LEU C 235 8.56 -30.83 -31.82
N PRO C 236 9.54 -30.27 -32.52
CA PRO C 236 10.84 -30.94 -32.64
C PRO C 236 11.51 -31.12 -31.28
N ARG C 237 12.25 -32.21 -31.15
CA ARG C 237 12.89 -32.54 -29.88
C ARG C 237 13.84 -31.43 -29.44
N GLU C 238 14.57 -30.84 -30.39
CA GLU C 238 15.51 -29.78 -30.05
C GLU C 238 14.80 -28.59 -29.42
N MET C 239 13.57 -28.31 -29.87
CA MET C 239 12.80 -27.22 -29.29
C MET C 239 12.45 -27.51 -27.83
N VAL C 240 12.04 -28.75 -27.54
CA VAL C 240 11.69 -29.12 -26.18
C VAL C 240 12.89 -29.00 -25.26
N GLU C 241 14.08 -29.31 -25.77
CA GLU C 241 15.27 -29.33 -24.93
C GLU C 241 15.77 -27.94 -24.55
N GLU C 242 15.45 -26.91 -25.33
CA GLU C 242 15.79 -25.56 -24.92
C GLU C 242 14.75 -24.94 -24.00
N MET C 243 13.70 -25.67 -23.64
CA MET C 243 12.74 -25.18 -22.68
C MET C 243 13.22 -25.45 -21.26
N THR C 244 12.81 -24.58 -20.34
CA THR C 244 13.01 -24.83 -18.93
C THR C 244 12.16 -26.01 -18.50
N PRO C 245 12.50 -26.66 -17.37
CA PRO C 245 11.63 -27.73 -16.85
C PRO C 245 10.21 -27.26 -16.60
N LEU C 246 10.03 -26.01 -16.19
CA LEU C 246 8.69 -25.49 -15.93
C LEU C 246 7.87 -25.42 -17.23
N VAL C 247 8.47 -24.89 -18.29
CA VAL C 247 7.76 -24.79 -19.57
C VAL C 247 7.56 -26.17 -20.18
N GLN C 248 8.53 -27.07 -20.01
CA GLN C 248 8.35 -28.44 -20.46
C GLN C 248 7.10 -29.07 -19.85
N LYS C 249 6.86 -28.80 -18.56
CA LYS C 249 5.65 -29.28 -17.92
C LYS C 249 4.42 -28.54 -18.43
N MET C 250 4.57 -27.25 -18.71
CA MET C 250 3.45 -26.48 -19.25
C MET C 250 2.97 -27.06 -20.56
N LEU C 251 3.89 -27.55 -21.39
CA LEU C 251 3.58 -27.94 -22.76
C LEU C 251 3.43 -29.44 -22.94
N GLY C 252 3.26 -30.19 -21.85
CA GLY C 252 2.87 -31.59 -21.94
C GLY C 252 3.99 -32.60 -22.05
N PHE C 253 5.19 -32.28 -21.60
CA PHE C 253 6.32 -33.21 -21.70
C PHE C 253 6.74 -33.81 -20.36
N ARG C 254 6.03 -33.49 -19.27
CA ARG C 254 6.40 -34.00 -17.95
C ARG C 254 5.17 -34.48 -17.21
N THR C 255 5.39 -35.44 -16.31
CA THR C 255 4.30 -35.97 -15.50
C THR C 255 3.76 -34.89 -14.57
N LEU C 256 2.45 -34.92 -14.34
CA LEU C 256 1.76 -33.89 -13.56
C LEU C 256 1.37 -34.45 -12.20
N ASN C 257 1.52 -33.63 -11.16
CA ASN C 257 1.24 -34.02 -9.79
C ASN C 257 -0.05 -33.34 -9.33
N LEU C 258 -1.02 -34.15 -8.93
CA LEU C 258 -2.30 -33.63 -8.46
C LEU C 258 -2.16 -33.08 -7.04
N HIS C 259 -3.25 -32.47 -6.57
CA HIS C 259 -3.28 -31.90 -5.22
C HIS C 259 -3.04 -32.94 -4.14
N ASN C 260 -3.27 -34.22 -4.42
CA ASN C 260 -3.22 -35.27 -3.42
C ASN C 260 -2.02 -36.21 -3.62
N ASN C 261 -0.99 -35.75 -4.34
CA ASN C 261 0.22 -36.50 -4.66
C ASN C 261 -0.02 -37.62 -5.67
N VAL C 262 -1.23 -37.80 -6.17
CA VAL C 262 -1.46 -38.70 -7.29
C VAL C 262 -0.88 -38.08 -8.55
N LYS C 263 -0.38 -38.92 -9.45
CA LYS C 263 0.23 -38.46 -10.69
C LYS C 263 -0.65 -38.82 -11.88
N VAL C 264 -0.75 -37.90 -12.84
CA VAL C 264 -1.32 -38.17 -14.15
C VAL C 264 -0.27 -37.83 -15.20
N TRP C 265 -0.57 -38.22 -16.44
CA TRP C 265 0.38 -38.05 -17.55
C TRP C 265 1.67 -38.82 -17.27
N LYS C 266 1.54 -40.04 -16.76
CA LYS C 266 2.68 -40.88 -16.41
C LYS C 266 3.10 -41.75 -17.59
N ALA C 267 4.36 -42.21 -17.54
CA ALA C 267 4.87 -43.17 -18.50
C ALA C 267 4.94 -44.53 -17.81
N GLY C 268 3.80 -45.22 -17.79
CA GLY C 268 3.67 -46.44 -17.03
C GLY C 268 3.74 -46.14 -15.55
N GLU C 269 4.78 -46.64 -14.88
CA GLU C 269 4.98 -46.39 -13.46
C GLU C 269 5.77 -45.12 -13.18
N GLY C 270 6.68 -44.73 -14.07
CA GLY C 270 7.56 -43.61 -13.84
C GLY C 270 7.06 -42.31 -14.46
N ASN C 271 7.92 -41.32 -14.45
CA ASN C 271 7.63 -40.02 -15.04
C ASN C 271 7.89 -40.06 -16.55
N LEU C 272 7.08 -39.31 -17.29
CA LEU C 272 7.23 -39.28 -18.75
C LEU C 272 8.59 -38.73 -19.14
N GLU C 273 9.10 -37.75 -18.38
CA GLU C 273 10.39 -37.14 -18.73
C GLU C 273 11.54 -38.13 -18.56
N ASP C 274 11.38 -39.13 -17.70
CA ASP C 274 12.41 -40.16 -17.55
C ASP C 274 12.34 -41.18 -18.67
N ALA C 275 11.13 -41.51 -19.14
CA ALA C 275 11.01 -42.51 -20.20
C ALA C 275 11.49 -41.96 -21.54
N THR C 276 11.28 -40.67 -21.80
CA THR C 276 11.78 -40.03 -23.00
C THR C 276 13.22 -39.55 -22.86
N GLY C 277 13.82 -39.71 -21.67
CA GLY C 277 15.16 -39.19 -21.44
C GLY C 277 15.25 -37.70 -21.65
N LEU C 278 14.19 -36.97 -21.29
CA LEU C 278 14.09 -35.56 -21.62
C LEU C 278 15.20 -34.76 -20.97
N LYS C 279 15.93 -34.00 -21.79
CA LYS C 279 16.95 -33.09 -21.31
C LYS C 279 16.43 -31.66 -21.37
N SER C 280 16.92 -30.83 -20.45
CA SER C 280 16.57 -29.42 -20.43
C SER C 280 17.82 -28.60 -20.16
N VAL C 281 17.91 -27.43 -20.79
CA VAL C 281 19.05 -26.55 -20.57
C VAL C 281 19.09 -26.08 -19.12
N ALA C 282 17.94 -26.03 -18.46
CA ALA C 282 17.84 -25.61 -17.07
C ALA C 282 17.47 -26.77 -16.14
N ALA C 283 17.99 -27.96 -16.42
CA ALA C 283 17.74 -29.12 -15.59
C ALA C 283 18.09 -28.82 -14.14
N LYS C 284 17.11 -29.03 -13.25
CA LYS C 284 17.22 -28.52 -11.88
C LYS C 284 18.46 -29.03 -11.19
N LEU C 285 18.63 -30.35 -11.12
CA LEU C 285 19.75 -30.92 -10.38
C LEU C 285 21.08 -30.66 -11.09
N ALA C 286 21.07 -30.66 -12.44
CA ALA C 286 22.30 -30.41 -13.17
C ALA C 286 22.75 -28.96 -13.01
N ALA C 287 21.81 -28.02 -13.04
CA ALA C 287 22.17 -26.61 -12.93
C ALA C 287 22.58 -26.24 -11.50
N ALA C 288 22.06 -26.97 -10.51
CA ALA C 288 22.33 -26.66 -9.12
C ALA C 288 23.63 -27.29 -8.60
N LEU C 289 23.97 -28.48 -9.07
CA LEU C 289 25.15 -29.20 -8.60
C LEU C 289 26.24 -29.14 -9.67
N GLU C 290 27.35 -28.49 -9.34
CA GLU C 290 28.45 -28.36 -10.29
C GLU C 290 29.12 -29.70 -10.57
N HIS C 291 29.02 -30.66 -9.66
CA HIS C 291 29.54 -32.00 -9.90
C HIS C 291 28.55 -32.80 -10.74
N PRO D 2 -20.97 -2.84 39.70
CA PRO D 2 -19.71 -3.25 39.07
C PRO D 2 -19.33 -2.35 37.90
N GLN D 3 -18.04 -2.24 37.61
CA GLN D 3 -17.56 -1.33 36.58
C GLN D 3 -16.25 -1.84 36.02
N LEU D 4 -15.82 -1.22 34.91
CA LEU D 4 -14.51 -1.49 34.33
C LEU D 4 -13.45 -0.71 35.10
N HIS D 5 -12.40 -1.42 35.53
CA HIS D 5 -11.31 -0.83 36.28
C HIS D 5 -10.02 -0.87 35.49
N TYR D 6 -9.25 0.21 35.55
CA TYR D 6 -7.90 0.27 35.02
C TYR D 6 -6.94 0.34 36.20
N VAL D 7 -6.09 -0.67 36.34
CA VAL D 7 -5.21 -0.77 37.50
C VAL D 7 -3.76 -0.88 37.04
N PRO D 8 -2.79 -0.47 37.86
CA PRO D 8 -1.38 -0.60 37.47
C PRO D 8 -0.84 -2.01 37.73
N TYR D 9 0.39 -2.22 37.26
CA TYR D 9 1.02 -3.53 37.33
C TYR D 9 1.22 -3.98 38.77
N ASP D 10 1.57 -3.06 39.67
CA ASP D 10 1.89 -3.40 41.05
C ASP D 10 0.66 -3.55 41.94
N THR D 11 -0.53 -3.65 41.35
CA THR D 11 -1.73 -3.86 42.14
C THR D 11 -1.65 -5.19 42.87
N PRO D 12 -1.99 -5.24 44.16
CA PRO D 12 -1.97 -6.53 44.88
C PRO D 12 -2.96 -7.52 44.28
N VAL D 13 -2.62 -8.80 44.40
CA VAL D 13 -3.35 -9.84 43.71
C VAL D 13 -4.78 -9.93 44.21
N GLU D 14 -4.97 -9.86 45.54
CA GLU D 14 -6.30 -10.02 46.10
C GLU D 14 -7.24 -8.92 45.64
N ASP D 15 -6.71 -7.72 45.35
CA ASP D 15 -7.53 -6.69 44.74
C ASP D 15 -7.98 -7.11 43.34
N VAL D 16 -7.05 -7.66 42.55
CA VAL D 16 -7.38 -8.12 41.21
C VAL D 16 -8.45 -9.21 41.27
N MET D 17 -8.30 -10.17 42.20
CA MET D 17 -9.32 -11.21 42.34
C MET D 17 -10.63 -10.65 42.86
N ARG D 18 -10.55 -9.69 43.79
CA ARG D 18 -11.78 -9.02 44.24
C ARG D 18 -12.49 -8.34 43.08
N ILE D 19 -11.74 -7.63 42.25
CA ILE D 19 -12.34 -6.96 41.09
C ILE D 19 -12.89 -7.99 40.11
N LEU D 20 -12.19 -9.11 39.94
CA LEU D 20 -12.66 -10.16 39.05
C LEU D 20 -13.97 -10.78 39.55
N LYS D 21 -14.06 -11.03 40.86
CA LYS D 21 -15.30 -11.58 41.40
C LYS D 21 -16.43 -10.56 41.33
N GLU D 22 -16.13 -9.29 41.61
CA GLU D 22 -17.17 -8.26 41.62
C GLU D 22 -17.60 -7.90 40.19
N SER D 23 -16.63 -7.58 39.32
CA SER D 23 -16.93 -7.00 38.02
C SER D 23 -16.69 -7.94 36.84
N GLY D 24 -16.05 -9.08 37.05
CA GLY D 24 -15.89 -10.06 35.98
C GLY D 24 -14.88 -9.74 34.92
N THR D 25 -14.13 -8.65 35.08
CA THR D 25 -13.13 -8.23 34.11
C THR D 25 -12.37 -7.06 34.72
N LEU D 26 -11.29 -6.70 34.03
CA LEU D 26 -10.46 -5.53 34.39
C LEU D 26 -9.26 -5.47 33.46
N VAL D 27 -8.59 -4.34 33.47
CA VAL D 27 -7.41 -4.10 32.65
C VAL D 27 -6.22 -3.92 33.56
N ILE D 28 -5.14 -4.64 33.28
CA ILE D 28 -3.87 -4.45 33.96
C ILE D 28 -2.95 -3.71 33.02
N ARG D 29 -2.57 -2.49 33.40
CA ARG D 29 -1.77 -1.64 32.54
C ARG D 29 -0.30 -2.02 32.62
N ASN D 30 0.39 -1.84 31.49
CA ASN D 30 1.81 -2.22 31.37
C ASN D 30 2.02 -3.68 31.74
N PHE D 31 1.05 -4.52 31.34
CA PHE D 31 1.19 -5.96 31.47
C PHE D 31 2.47 -6.46 30.82
N LEU D 32 2.78 -5.94 29.63
CA LEU D 32 4.03 -6.19 28.94
C LEU D 32 4.76 -4.87 28.73
N ASP D 33 6.06 -4.95 28.58
CA ASP D 33 6.81 -3.76 28.20
C ASP D 33 6.82 -3.63 26.67
N GLN D 34 7.37 -2.51 26.20
CA GLN D 34 7.38 -2.26 24.76
C GLN D 34 8.29 -3.25 24.03
N ASN D 35 9.35 -3.72 24.69
CA ASN D 35 10.25 -4.68 24.05
C ASN D 35 9.51 -5.96 23.69
N THR D 36 8.77 -6.52 24.65
CA THR D 36 8.01 -7.74 24.38
C THR D 36 6.96 -7.51 23.31
N VAL D 37 6.27 -6.36 23.35
CA VAL D 37 5.28 -6.03 22.33
C VAL D 37 5.93 -6.03 20.95
N GLN D 38 7.11 -5.41 20.84
CA GLN D 38 7.80 -5.38 19.54
C GLN D 38 8.31 -6.77 19.16
N LYS D 39 8.88 -7.50 20.11
CA LYS D 39 9.52 -8.76 19.78
C LYS D 39 8.53 -9.81 19.28
N VAL D 40 7.35 -9.89 19.90
CA VAL D 40 6.38 -10.90 19.48
C VAL D 40 5.83 -10.55 18.10
N GLN D 41 5.68 -9.26 17.80
CA GLN D 41 5.22 -8.86 16.47
C GLN D 41 6.22 -9.27 15.41
N ASP D 42 7.52 -9.08 15.67
CA ASP D 42 8.54 -9.39 14.68
C ASP D 42 8.66 -10.90 14.45
N GLU D 43 8.56 -11.70 15.52
CA GLU D 43 8.74 -13.14 15.36
C GLU D 43 7.59 -13.77 14.59
N VAL D 44 6.37 -13.29 14.79
CA VAL D 44 5.23 -13.83 14.04
C VAL D 44 5.37 -13.49 12.56
N ASP D 45 5.82 -12.27 12.25
CA ASP D 45 5.95 -11.86 10.86
C ASP D 45 6.93 -12.74 10.10
N ASP D 46 8.04 -13.13 10.76
CA ASP D 46 9.05 -13.94 10.09
C ASP D 46 8.50 -15.33 9.77
N TYR D 47 7.72 -15.91 10.68
CA TYR D 47 7.12 -17.21 10.43
C TYR D 47 6.15 -17.14 9.26
N VAL D 48 5.31 -16.11 9.24
CA VAL D 48 4.36 -15.91 8.15
C VAL D 48 5.10 -15.51 6.87
N SER D 72 -3.31 -18.68 15.18
CA SER D 72 -2.86 -19.25 16.44
C SER D 72 -1.48 -19.88 16.29
N ASN D 73 -1.27 -21.01 16.96
CA ASN D 73 0.02 -21.73 16.94
C ASN D 73 1.15 -20.83 17.43
N LEU D 74 0.84 -19.98 18.42
CA LEU D 74 1.74 -18.89 18.78
C LEU D 74 3.02 -19.39 19.44
N SER D 75 2.93 -20.47 20.23
CA SER D 75 4.14 -21.01 20.86
C SER D 75 5.13 -21.51 19.83
N LEU D 76 4.62 -22.04 18.70
CA LEU D 76 5.52 -22.51 17.64
C LEU D 76 6.12 -21.34 16.87
N MET D 77 5.39 -20.24 16.72
CA MET D 77 5.81 -19.16 15.84
C MET D 77 6.66 -18.11 16.54
N SER D 78 6.51 -17.94 17.85
CA SER D 78 7.20 -16.87 18.58
C SER D 78 7.98 -17.48 19.75
N LYS D 79 9.31 -17.41 19.67
CA LYS D 79 10.15 -17.81 20.79
C LYS D 79 9.85 -16.98 22.03
N THR D 80 9.52 -15.70 21.86
CA THR D 80 9.20 -14.85 23.00
C THR D 80 7.88 -15.26 23.65
N TYR D 81 6.92 -15.75 22.86
CA TYR D 81 5.67 -16.24 23.41
C TYR D 81 5.90 -17.44 24.32
N ARG D 82 6.65 -18.43 23.85
CA ARG D 82 6.78 -19.68 24.59
C ARG D 82 7.81 -19.61 25.70
N CYS D 83 8.82 -18.74 25.58
CA CYS D 83 9.86 -18.67 26.59
C CYS D 83 9.63 -17.59 27.64
N GLU D 84 8.90 -16.54 27.31
CA GLU D 84 8.69 -15.43 28.24
C GLU D 84 7.23 -15.17 28.54
N VAL D 85 6.39 -15.01 27.52
CA VAL D 85 5.00 -14.63 27.73
C VAL D 85 4.26 -15.69 28.53
N LEU D 86 4.47 -16.97 28.20
CA LEU D 86 3.78 -18.05 28.90
C LEU D 86 4.31 -18.27 30.32
N ASN D 87 5.36 -17.55 30.73
CA ASN D 87 5.82 -17.56 32.11
C ASN D 87 5.35 -16.34 32.88
N HIS D 88 4.43 -15.57 32.32
CA HIS D 88 4.05 -14.28 32.90
C HIS D 88 3.55 -14.46 34.33
N PRO D 89 4.14 -13.77 35.30
CA PRO D 89 3.76 -14.00 36.70
C PRO D 89 2.32 -13.63 37.02
N TRP D 90 1.74 -12.67 36.28
CA TRP D 90 0.35 -12.30 36.54
C TRP D 90 -0.62 -13.39 36.07
N MET D 91 -0.34 -13.99 34.91
CA MET D 91 -1.18 -15.08 34.43
C MET D 91 -1.23 -16.23 35.42
N HIS D 92 -0.08 -16.63 35.96
CA HIS D 92 -0.03 -17.77 36.86
C HIS D 92 -0.57 -17.44 38.25
N ALA D 93 -0.41 -16.20 38.69
CA ALA D 93 -0.98 -15.81 39.98
C ALA D 93 -2.50 -15.82 39.92
N ILE D 94 -3.07 -15.31 38.83
CA ILE D 94 -4.52 -15.30 38.69
C ILE D 94 -5.05 -16.71 38.44
N CYS D 95 -4.36 -17.48 37.59
CA CYS D 95 -4.84 -18.83 37.29
C CYS D 95 -4.77 -19.74 38.51
N GLU D 96 -3.75 -19.56 39.36
CA GLU D 96 -3.64 -20.36 40.57
C GLU D 96 -4.82 -20.14 41.49
N ARG D 97 -5.22 -18.88 41.67
CA ARG D 97 -6.33 -18.57 42.57
C ARG D 97 -7.69 -18.84 41.95
N MET D 98 -7.77 -18.95 40.62
CA MET D 98 -9.04 -19.22 39.95
C MET D 98 -9.32 -20.70 39.80
N PHE D 99 -8.29 -21.51 39.51
CA PHE D 99 -8.47 -22.93 39.25
C PHE D 99 -7.87 -23.83 40.30
N GLY D 100 -6.90 -23.36 41.08
CA GLY D 100 -6.21 -24.16 42.07
C GLY D 100 -7.12 -24.86 43.07
N PRO D 101 -7.92 -24.09 43.81
CA PRO D 101 -8.77 -24.71 44.85
C PRO D 101 -9.69 -25.81 44.34
N THR D 102 -10.25 -25.66 43.14
CA THR D 102 -11.24 -26.62 42.66
C THR D 102 -10.62 -27.74 41.82
N TYR D 103 -9.65 -27.43 40.97
CA TYR D 103 -9.09 -28.41 40.05
C TYR D 103 -7.63 -28.74 40.29
N GLY D 104 -6.91 -27.93 41.06
CA GLY D 104 -5.49 -28.13 41.20
C GLY D 104 -4.71 -27.51 40.06
N ASP D 105 -4.25 -28.35 39.13
CA ASP D 105 -3.46 -27.86 38.01
C ASP D 105 -4.36 -27.23 36.95
N TYR D 106 -3.75 -26.33 36.17
CA TYR D 106 -4.34 -25.74 34.98
C TYR D 106 -3.30 -25.83 33.87
N TRP D 107 -3.72 -25.57 32.63
CA TRP D 107 -2.78 -25.54 31.53
C TRP D 107 -3.34 -24.68 30.40
N PHE D 108 -2.51 -24.49 29.37
CA PHE D 108 -2.83 -23.62 28.25
C PHE D 108 -4.04 -24.14 27.49
N ASN D 109 -4.97 -23.23 27.18
CA ASN D 109 -6.16 -23.56 26.41
C ASN D 109 -5.98 -23.21 24.93
N GLY D 110 -5.75 -21.94 24.64
CA GLY D 110 -5.54 -21.51 23.26
C GLY D 110 -5.03 -20.08 23.27
N GLY D 111 -4.51 -19.67 22.12
CA GLY D 111 -4.00 -18.33 21.96
C GLY D 111 -3.83 -17.94 20.51
N SER D 112 -4.28 -16.74 20.14
CA SER D 112 -4.31 -16.34 18.74
C SER D 112 -3.96 -14.86 18.61
N ILE D 113 -3.54 -14.49 17.40
CA ILE D 113 -3.43 -13.08 17.04
C ILE D 113 -4.82 -12.51 16.81
N LEU D 114 -5.10 -11.38 17.44
CA LEU D 114 -6.38 -10.70 17.31
C LEU D 114 -6.17 -9.49 16.40
N HIS D 115 -6.31 -9.72 15.09
CA HIS D 115 -6.03 -8.71 14.08
C HIS D 115 -7.34 -8.23 13.48
N LEU D 116 -7.61 -6.92 13.63
CA LEU D 116 -8.83 -6.29 13.16
C LEU D 116 -8.48 -5.36 11.99
N GLU D 117 -8.92 -5.72 10.78
CA GLU D 117 -8.65 -4.89 9.61
C GLU D 117 -9.65 -3.74 9.52
N PRO D 118 -9.26 -2.61 8.92
CA PRO D 118 -10.20 -1.49 8.78
C PRO D 118 -11.45 -1.90 8.02
N GLY D 119 -12.59 -1.42 8.51
CA GLY D 119 -13.87 -1.73 7.92
C GLY D 119 -14.57 -2.94 8.50
N GLU D 120 -13.87 -3.78 9.27
CA GLU D 120 -14.52 -4.94 9.88
C GLU D 120 -15.62 -4.49 10.83
N ASN D 121 -16.74 -5.20 10.77
CA ASN D 121 -17.90 -4.83 11.57
C ASN D 121 -17.80 -5.41 12.98
N THR D 122 -18.77 -5.04 13.81
CA THR D 122 -18.76 -5.46 15.21
C THR D 122 -18.92 -6.96 15.34
N GLN D 123 -18.17 -7.56 16.26
CA GLN D 123 -18.22 -8.98 16.55
C GLN D 123 -19.44 -9.30 17.40
N PRO D 124 -20.09 -10.44 17.18
CA PRO D 124 -21.20 -10.84 18.05
C PRO D 124 -20.78 -10.89 19.51
N ILE D 125 -21.62 -10.35 20.38
CA ILE D 125 -21.35 -10.36 21.81
C ILE D 125 -21.52 -11.78 22.34
N HIS D 126 -20.54 -12.27 23.09
CA HIS D 126 -20.50 -13.67 23.47
C HIS D 126 -19.77 -13.85 24.79
N GLN D 127 -19.96 -15.03 25.37
CA GLN D 127 -19.10 -15.55 26.43
C GLN D 127 -18.10 -16.53 25.82
N ASP D 128 -16.86 -16.51 26.33
CA ASP D 128 -15.85 -17.37 25.74
C ASP D 128 -16.09 -18.84 26.06
N HIS D 129 -16.65 -19.15 27.23
CA HIS D 129 -16.88 -20.54 27.61
C HIS D 129 -18.11 -21.14 26.94
N VAL D 130 -18.70 -20.45 25.96
CA VAL D 130 -19.97 -20.89 25.37
C VAL D 130 -19.84 -22.25 24.70
N PHE D 131 -18.63 -22.59 24.24
CA PHE D 131 -18.46 -23.85 23.51
C PHE D 131 -18.26 -25.05 24.42
N TYR D 132 -18.11 -24.85 25.73
CA TYR D 132 -18.09 -25.97 26.67
C TYR D 132 -19.51 -26.49 26.87
N GLN D 133 -19.72 -27.77 26.58
CA GLN D 133 -21.02 -28.38 26.87
C GLN D 133 -21.36 -28.26 28.34
N ILE D 134 -20.35 -28.28 29.21
CA ILE D 134 -20.59 -28.21 30.65
C ILE D 134 -20.82 -26.81 31.16
N SER D 135 -20.83 -25.79 30.28
CA SER D 135 -21.30 -24.48 30.71
C SER D 135 -22.78 -24.52 31.09
N LYS D 136 -23.53 -25.49 30.53
CA LYS D 136 -24.94 -25.63 30.86
C LYS D 136 -25.13 -26.08 32.31
N TRP D 137 -24.18 -26.83 32.86
CA TRP D 137 -24.28 -27.32 34.23
C TRP D 137 -23.77 -26.32 35.26
N ARG D 138 -22.96 -25.36 34.85
CA ARG D 138 -22.24 -24.50 35.78
C ARG D 138 -23.15 -23.42 36.33
N ARG D 139 -22.93 -23.07 37.60
CA ARG D 139 -23.57 -21.92 38.22
C ARG D 139 -22.63 -20.71 38.15
N PRO D 140 -23.17 -19.50 38.09
CA PRO D 140 -22.30 -18.31 38.01
C PRO D 140 -21.37 -18.14 39.21
N THR D 141 -21.69 -18.75 40.35
CA THR D 141 -20.84 -18.69 41.52
C THR D 141 -19.78 -19.78 41.55
N ASP D 142 -19.78 -20.68 40.57
CA ASP D 142 -18.73 -21.66 40.42
C ASP D 142 -17.50 -21.00 39.77
N PRO D 143 -16.33 -21.63 39.86
CA PRO D 143 -15.16 -21.09 39.16
C PRO D 143 -15.36 -21.13 37.65
N ASP D 144 -14.62 -20.27 36.97
CA ASP D 144 -14.76 -20.17 35.52
C ASP D 144 -14.20 -21.41 34.84
N LEU D 145 -14.68 -21.65 33.61
CA LEU D 145 -14.20 -22.76 32.82
C LEU D 145 -12.92 -22.43 32.07
N THR D 146 -12.62 -21.15 31.89
CA THR D 146 -11.45 -20.68 31.14
C THR D 146 -11.27 -19.20 31.42
N ILE D 147 -10.06 -18.71 31.18
CA ILE D 147 -9.75 -17.28 31.34
C ILE D 147 -8.80 -16.87 30.23
N ASN D 148 -9.03 -15.68 29.68
CA ASN D 148 -8.27 -15.16 28.55
C ASN D 148 -7.54 -13.90 28.98
N PHE D 149 -6.32 -13.74 28.47
CA PHE D 149 -5.53 -12.52 28.65
C PHE D 149 -5.33 -11.91 27.26
N THR D 150 -6.04 -10.82 26.99
CA THR D 150 -5.97 -10.17 25.69
C THR D 150 -5.06 -8.96 25.81
N MET D 151 -3.89 -9.04 25.17
CA MET D 151 -2.83 -8.06 25.29
C MET D 151 -2.76 -7.22 24.02
N ALA D 152 -2.75 -5.90 24.20
CA ALA D 152 -2.76 -4.98 23.06
C ALA D 152 -1.38 -4.85 22.46
N LEU D 153 -1.30 -4.98 21.13
CA LEU D 153 -0.08 -4.68 20.38
C LEU D 153 -0.12 -3.28 19.78
N THR D 154 -1.24 -2.92 19.14
CA THR D 154 -1.53 -1.53 18.85
C THR D 154 -2.42 -0.96 19.95
N GLU D 155 -2.69 0.33 19.86
CA GLU D 155 -3.67 0.96 20.74
C GLU D 155 -5.03 0.29 20.57
N PHE D 156 -5.76 0.23 21.67
CA PHE D 156 -7.17 -0.19 21.65
C PHE D 156 -8.01 1.04 21.90
N THR D 157 -8.66 1.54 20.86
CA THR D 157 -9.57 2.67 20.94
C THR D 157 -10.98 2.20 20.63
N VAL D 158 -11.96 3.01 21.04
CA VAL D 158 -13.35 2.67 20.78
C VAL D 158 -13.62 2.68 19.27
N GLU D 159 -12.95 3.57 18.54
CA GLU D 159 -13.22 3.71 17.11
C GLU D 159 -12.47 2.69 16.27
N ASN D 160 -11.33 2.18 16.73
CA ASN D 160 -10.60 1.16 15.98
C ASN D 160 -11.01 -0.26 16.37
N GLY D 161 -12.11 -0.42 17.10
CA GLY D 161 -12.64 -1.73 17.41
C GLY D 161 -12.15 -2.33 18.70
N GLY D 162 -11.73 -1.51 19.66
CA GLY D 162 -11.28 -2.01 20.95
C GLY D 162 -12.33 -2.87 21.61
N THR D 163 -11.89 -3.89 22.34
CA THR D 163 -12.81 -4.83 22.97
C THR D 163 -13.77 -4.10 23.90
N ARG D 164 -15.02 -4.57 23.94
CA ARG D 164 -16.05 -4.04 24.82
C ARG D 164 -16.51 -5.15 25.76
N VAL D 165 -16.66 -4.80 27.03
CA VAL D 165 -17.11 -5.74 28.05
C VAL D 165 -18.38 -5.20 28.70
N CYS D 166 -19.05 -6.08 29.45
CA CYS D 166 -20.26 -5.73 30.19
C CYS D 166 -20.03 -6.12 31.64
N PRO D 167 -19.49 -5.21 32.45
CA PRO D 167 -19.14 -5.57 33.83
C PRO D 167 -20.35 -6.04 34.63
N GLY D 168 -20.20 -7.17 35.30
CA GLY D 168 -21.26 -7.78 36.08
C GLY D 168 -22.05 -8.84 35.35
N SER D 169 -21.95 -8.91 34.03
CA SER D 169 -22.71 -9.89 33.26
C SER D 169 -22.19 -11.31 33.45
N HIS D 170 -21.01 -11.48 34.03
CA HIS D 170 -20.51 -12.82 34.36
C HIS D 170 -21.34 -13.49 35.44
N LEU D 171 -22.08 -12.72 36.23
CA LEU D 171 -22.89 -13.26 37.31
C LEU D 171 -24.33 -13.56 36.87
N TRP D 172 -24.66 -13.29 35.60
CA TRP D 172 -25.97 -13.65 35.09
C TRP D 172 -26.10 -15.17 35.01
N GLU D 173 -27.31 -15.67 35.26
CA GLU D 173 -27.55 -17.10 35.16
C GLU D 173 -27.39 -17.55 33.72
N ASN D 174 -27.12 -18.85 33.54
CA ASN D 174 -26.98 -19.41 32.20
C ASN D 174 -28.28 -19.24 31.43
N GLY D 175 -28.16 -19.17 30.11
CA GLY D 175 -29.30 -18.90 29.26
C GLY D 175 -29.81 -17.48 29.27
N HIS D 176 -29.28 -16.62 30.15
CA HIS D 176 -29.63 -15.22 30.13
C HIS D 176 -29.32 -14.62 28.76
N ALA D 177 -30.21 -13.77 28.27
CA ALA D 177 -30.04 -13.14 26.97
C ALA D 177 -28.74 -12.33 26.93
N SER D 178 -28.23 -12.13 25.73
CA SER D 178 -27.02 -11.36 25.54
C SER D 178 -27.23 -9.91 25.96
N PRO D 179 -26.18 -9.22 26.38
CA PRO D 179 -26.31 -7.78 26.67
C PRO D 179 -26.68 -7.00 25.43
N ALA D 180 -27.43 -5.93 25.63
CA ALA D 180 -27.71 -5.02 24.52
C ALA D 180 -26.43 -4.29 24.14
N GLU D 181 -26.34 -3.91 22.86
CA GLU D 181 -25.16 -3.20 22.36
C GLU D 181 -24.85 -1.95 23.17
N GLU D 182 -25.89 -1.32 23.74
CA GLU D 182 -25.70 -0.09 24.49
C GLU D 182 -25.12 -0.32 25.87
N ASP D 183 -25.21 -1.55 26.41
CA ASP D 183 -24.65 -1.84 27.73
C ASP D 183 -23.17 -2.17 27.69
N MET D 184 -22.55 -2.24 26.52
CA MET D 184 -21.16 -2.64 26.40
C MET D 184 -20.24 -1.44 26.62
N VAL D 185 -19.14 -1.67 27.34
CA VAL D 185 -18.20 -0.63 27.74
C VAL D 185 -16.90 -0.85 26.96
N PRO D 186 -16.52 0.05 26.06
CA PRO D 186 -15.25 -0.13 25.33
C PRO D 186 -14.05 -0.09 26.26
N VAL D 187 -13.02 -0.85 25.89
CA VAL D 187 -11.79 -0.95 26.65
C VAL D 187 -10.70 -0.15 25.91
N LEU D 188 -9.99 0.70 26.64
CA LEU D 188 -8.94 1.54 26.08
C LEU D 188 -7.59 1.08 26.62
N MET D 189 -6.70 0.70 25.72
CA MET D 189 -5.42 0.15 26.11
C MET D 189 -4.31 0.74 25.26
N GLN D 190 -3.19 1.06 25.91
CA GLN D 190 -1.96 1.33 25.21
C GLN D 190 -1.27 0.00 24.88
N PRO D 191 -0.36 -0.01 23.92
CA PRO D 191 0.42 -1.22 23.66
C PRO D 191 1.08 -1.73 24.93
N GLY D 192 0.82 -3.00 25.25
CA GLY D 192 1.35 -3.62 26.45
C GLY D 192 0.31 -3.85 27.53
N ASP D 193 -0.79 -3.10 27.51
CA ASP D 193 -1.88 -3.34 28.45
C ASP D 193 -2.57 -4.66 28.12
N ALA D 194 -3.23 -5.23 29.14
CA ALA D 194 -3.93 -6.51 28.98
C ALA D 194 -5.30 -6.45 29.61
N LEU D 195 -6.28 -6.97 28.87
CA LEU D 195 -7.64 -7.14 29.37
C LEU D 195 -7.81 -8.58 29.86
N ILE D 196 -8.34 -8.73 31.07
CA ILE D 196 -8.54 -10.04 31.69
C ILE D 196 -9.98 -10.46 31.44
N LEU D 197 -10.16 -11.59 30.77
CA LEU D 197 -11.47 -12.03 30.28
C LEU D 197 -11.79 -13.43 30.79
N PRO D 198 -12.45 -13.55 31.95
CA PRO D 198 -12.98 -14.85 32.35
C PRO D 198 -13.98 -15.37 31.33
N GLY D 199 -14.12 -16.70 31.28
CA GLY D 199 -14.97 -17.33 30.29
C GLY D 199 -16.43 -16.94 30.38
N SER D 200 -16.85 -16.35 31.50
CA SER D 200 -18.24 -15.96 31.72
C SER D 200 -18.52 -14.50 31.35
N MET D 201 -17.49 -13.71 31.04
CA MET D 201 -17.69 -12.29 30.77
C MET D 201 -18.18 -12.08 29.34
N TRP D 202 -19.39 -11.52 29.21
CA TRP D 202 -19.88 -11.14 27.90
C TRP D 202 -19.04 -10.01 27.33
N HIS D 203 -18.62 -10.16 26.08
CA HIS D 203 -17.72 -9.20 25.45
C HIS D 203 -17.79 -9.38 23.95
N SER D 204 -17.18 -8.44 23.24
CA SER D 204 -17.06 -8.51 21.78
C SER D 204 -16.07 -7.46 21.31
N ALA D 205 -15.48 -7.73 20.16
CA ALA D 205 -14.70 -6.71 19.47
C ALA D 205 -15.63 -5.73 18.77
N GLY D 206 -15.24 -4.45 18.75
CA GLY D 206 -16.00 -3.44 18.07
C GLY D 206 -15.67 -3.37 16.59
N ALA D 207 -16.38 -2.49 15.89
CA ALA D 207 -16.08 -2.20 14.51
C ALA D 207 -14.83 -1.35 14.41
N ASN D 208 -13.95 -1.71 13.47
CA ASN D 208 -12.73 -0.93 13.21
C ASN D 208 -13.08 0.13 12.18
N ARG D 209 -13.49 1.30 12.65
CA ARG D 209 -13.85 2.41 11.78
C ARG D 209 -12.70 3.38 11.53
N THR D 210 -11.47 2.96 11.81
CA THR D 210 -10.29 3.73 11.51
C THR D 210 -9.56 3.13 10.32
N SER D 211 -8.52 3.82 9.90
CA SER D 211 -7.79 3.43 8.69
C SER D 211 -6.61 2.50 8.98
N GLU D 212 -6.40 2.11 10.22
CA GLU D 212 -5.28 1.25 10.56
C GLU D 212 -5.77 0.04 11.32
N TYR D 213 -5.06 -1.08 11.17
CA TYR D 213 -5.51 -2.33 11.78
C TYR D 213 -5.35 -2.26 13.30
N ARG D 214 -6.31 -2.87 14.00
CA ARG D 214 -6.24 -3.02 15.44
C ARG D 214 -5.65 -4.39 15.75
N ARG D 215 -4.51 -4.40 16.45
CA ARG D 215 -3.74 -5.61 16.66
C ARG D 215 -3.64 -5.93 18.15
N GLY D 216 -3.80 -7.21 18.46
CA GLY D 216 -3.59 -7.74 19.78
C GLY D 216 -3.28 -9.21 19.67
N PHE D 217 -3.10 -9.85 20.83
CA PHE D 217 -2.90 -11.29 20.89
C PHE D 217 -3.25 -11.76 22.29
N ALA D 218 -3.52 -13.05 22.43
CA ALA D 218 -4.11 -13.57 23.64
C ALA D 218 -3.39 -14.83 24.11
N THR D 219 -3.43 -15.03 25.42
CA THR D 219 -3.22 -16.32 26.05
C THR D 219 -4.52 -16.73 26.74
N SER D 220 -4.69 -18.03 26.95
CA SER D 220 -5.84 -18.50 27.70
C SER D 220 -5.48 -19.80 28.40
N PHE D 221 -6.07 -19.98 29.58
CA PHE D 221 -5.81 -21.14 30.42
C PHE D 221 -7.13 -21.66 30.96
N HIS D 222 -7.15 -22.93 31.32
CA HIS D 222 -8.36 -23.57 31.84
C HIS D 222 -7.95 -24.77 32.67
N PRO D 223 -8.87 -25.34 33.47
CA PRO D 223 -8.50 -26.46 34.35
C PRO D 223 -7.85 -27.62 33.61
N CYS D 224 -6.98 -28.33 34.33
CA CYS D 224 -6.22 -29.44 33.73
C CYS D 224 -7.10 -30.58 33.27
N HIS D 225 -8.31 -30.72 33.83
CA HIS D 225 -9.18 -31.83 33.46
C HIS D 225 -9.98 -31.56 32.19
N PHE D 226 -9.75 -30.41 31.55
CA PHE D 226 -10.44 -30.07 30.31
C PHE D 226 -9.44 -30.10 29.15
N THR D 227 -9.90 -30.59 28.00
CA THR D 227 -9.04 -30.70 26.82
C THR D 227 -8.82 -29.33 26.20
N PRO D 228 -7.57 -28.95 25.92
CA PRO D 228 -7.32 -27.62 25.33
C PRO D 228 -7.79 -27.54 23.89
N ILE D 229 -8.09 -26.31 23.47
CA ILE D 229 -8.40 -26.06 22.07
C ILE D 229 -7.22 -26.45 21.19
N GLU D 230 -6.01 -26.19 21.66
CA GLU D 230 -4.79 -26.36 20.87
C GLU D 230 -3.90 -27.42 21.51
N SER D 231 -3.52 -28.42 20.72
CA SER D 231 -2.45 -29.31 21.10
C SER D 231 -1.11 -28.70 20.68
N HIS D 232 -0.05 -29.16 21.33
CA HIS D 232 1.31 -28.74 20.97
C HIS D 232 2.22 -29.93 20.75
N HIS D 233 1.64 -31.13 20.61
CA HIS D 233 2.44 -32.34 20.40
C HIS D 233 3.12 -32.36 19.03
N HIS D 234 2.80 -31.42 18.16
CA HIS D 234 3.48 -31.29 16.87
C HIS D 234 4.74 -30.43 16.95
N LEU D 235 5.01 -29.80 18.09
CA LEU D 235 6.17 -28.93 18.20
C LEU D 235 7.46 -29.75 18.24
N PRO D 236 8.55 -29.21 17.71
CA PRO D 236 9.82 -29.95 17.72
C PRO D 236 10.36 -30.15 19.12
N ARG D 237 11.09 -31.26 19.30
CA ARG D 237 11.62 -31.60 20.62
C ARG D 237 12.57 -30.54 21.15
N GLU D 238 13.45 -30.02 20.28
CA GLU D 238 14.39 -28.98 20.71
C GLU D 238 13.63 -27.74 21.19
N MET D 239 12.49 -27.45 20.57
CA MET D 239 11.66 -26.34 21.02
C MET D 239 11.13 -26.58 22.43
N VAL D 240 10.62 -27.79 22.68
CA VAL D 240 10.06 -28.11 23.99
C VAL D 240 11.13 -28.02 25.08
N GLU D 241 12.38 -28.36 24.75
CA GLU D 241 13.45 -28.30 25.72
C GLU D 241 13.91 -26.88 26.02
N GLU D 242 13.54 -25.90 25.18
CA GLU D 242 13.77 -24.51 25.54
C GLU D 242 12.85 -24.06 26.66
N MET D 243 11.67 -24.68 26.77
CA MET D 243 10.65 -24.23 27.70
C MET D 243 11.05 -24.49 29.15
N THR D 244 10.49 -23.70 30.04
CA THR D 244 10.58 -23.96 31.46
C THR D 244 9.70 -25.16 31.80
N PRO D 245 9.97 -25.83 32.93
CA PRO D 245 9.06 -26.90 33.38
C PRO D 245 7.61 -26.44 33.49
N LEU D 246 7.40 -25.21 33.97
CA LEU D 246 6.05 -24.66 34.05
C LEU D 246 5.40 -24.58 32.67
N VAL D 247 6.10 -23.99 31.70
CA VAL D 247 5.53 -23.85 30.36
C VAL D 247 5.37 -25.22 29.70
N GLN D 248 6.30 -26.14 29.98
CA GLN D 248 6.13 -27.51 29.49
C GLN D 248 4.83 -28.12 30.00
N LYS D 249 4.48 -27.85 31.25
CA LYS D 249 3.19 -28.32 31.77
C LYS D 249 2.03 -27.57 31.14
N MET D 250 2.20 -26.26 30.90
CA MET D 250 1.16 -25.48 30.26
C MET D 250 0.81 -26.06 28.89
N LEU D 251 1.83 -26.51 28.15
CA LEU D 251 1.66 -26.90 26.75
C LEU D 251 1.49 -28.40 26.55
N GLY D 252 1.16 -29.14 27.60
CA GLY D 252 0.76 -30.53 27.46
C GLY D 252 1.87 -31.56 27.46
N PHE D 253 3.04 -31.24 28.02
CA PHE D 253 4.15 -32.17 28.02
C PHE D 253 4.43 -32.80 29.37
N ARG D 254 3.64 -32.48 30.40
CA ARG D 254 3.87 -33.03 31.73
C ARG D 254 2.55 -33.50 32.33
N THR D 255 2.66 -34.50 33.21
CA THR D 255 1.49 -35.04 33.89
C THR D 255 0.88 -33.98 34.81
N LEU D 256 -0.45 -33.98 34.89
CA LEU D 256 -1.21 -32.98 35.63
C LEU D 256 -1.73 -33.57 36.93
N ASN D 257 -1.76 -32.75 37.98
CA ASN D 257 -2.20 -33.16 39.30
C ASN D 257 -3.54 -32.51 39.61
N LEU D 258 -4.52 -33.33 39.95
CA LEU D 258 -5.85 -32.84 40.29
C LEU D 258 -5.88 -32.29 41.71
N HIS D 259 -6.99 -31.62 42.04
CA HIS D 259 -7.18 -31.07 43.38
C HIS D 259 -7.12 -32.15 44.45
N ASN D 260 -7.46 -33.39 44.11
CA ASN D 260 -7.58 -34.49 45.06
C ASN D 260 -6.39 -35.45 44.98
N ASN D 261 -5.23 -34.96 44.55
CA ASN D 261 -3.98 -35.71 44.42
C ASN D 261 -4.04 -36.79 43.35
N VAL D 262 -5.14 -36.91 42.61
CA VAL D 262 -5.21 -37.83 41.48
C VAL D 262 -4.49 -37.19 40.29
N LYS D 263 -3.89 -38.03 39.46
CA LYS D 263 -3.14 -37.59 38.29
C LYS D 263 -3.90 -37.91 37.01
N VAL D 264 -3.82 -37.01 36.04
CA VAL D 264 -4.27 -37.25 34.68
C VAL D 264 -3.11 -36.94 33.74
N TRP D 265 -3.26 -37.34 32.48
CA TRP D 265 -2.21 -37.13 31.47
C TRP D 265 -0.92 -37.86 31.85
N LYS D 266 -1.06 -39.09 32.33
CA LYS D 266 0.07 -39.88 32.80
C LYS D 266 0.52 -40.87 31.73
N ALA D 267 1.79 -41.25 31.81
CA ALA D 267 2.36 -42.27 30.94
C ALA D 267 2.41 -43.59 31.70
N GLY D 268 1.51 -44.51 31.34
CA GLY D 268 1.37 -45.73 32.12
C GLY D 268 0.92 -45.36 33.52
N GLU D 269 1.73 -45.74 34.52
CA GLU D 269 1.52 -45.30 35.88
C GLU D 269 2.45 -44.16 36.29
N GLY D 270 3.50 -43.89 35.51
CA GLY D 270 4.43 -42.82 35.82
C GLY D 270 4.05 -41.51 35.13
N ASN D 271 4.90 -40.50 35.36
CA ASN D 271 4.68 -39.19 34.77
C ASN D 271 5.11 -39.20 33.30
N LEU D 272 4.42 -38.38 32.50
CA LEU D 272 4.70 -38.33 31.07
C LEU D 272 6.09 -37.78 30.79
N GLU D 273 6.53 -36.80 31.57
CA GLU D 273 7.83 -36.19 31.34
C GLU D 273 8.97 -37.16 31.64
N ASP D 274 8.76 -38.11 32.55
CA ASP D 274 9.77 -39.12 32.80
C ASP D 274 9.82 -40.13 31.65
N ALA D 275 8.67 -40.47 31.08
CA ALA D 275 8.63 -41.46 30.02
C ALA D 275 9.22 -40.93 28.72
N THR D 276 9.13 -39.61 28.49
CA THR D 276 9.72 -39.01 27.30
C THR D 276 11.15 -38.52 27.53
N GLY D 277 11.65 -38.64 28.76
CA GLY D 277 12.99 -38.14 29.06
C GLY D 277 13.13 -36.64 28.88
N LEU D 278 12.08 -35.88 29.15
CA LEU D 278 12.07 -34.44 28.93
C LEU D 278 13.15 -33.73 29.74
N LEU D 285 16.04 -29.10 38.80
CA LEU D 285 17.28 -29.66 39.33
C LEU D 285 18.47 -29.29 38.44
N ALA D 286 18.31 -29.47 37.13
CA ALA D 286 19.41 -29.23 36.20
C ALA D 286 19.82 -27.77 36.17
N ALA D 287 18.87 -26.85 36.34
CA ALA D 287 19.19 -25.43 36.37
C ALA D 287 19.69 -25.00 37.75
N ALA D 288 19.26 -25.69 38.80
CA ALA D 288 19.62 -25.29 40.16
C ALA D 288 21.01 -25.79 40.54
N LEU D 289 21.33 -27.04 40.24
CA LEU D 289 22.62 -27.61 40.59
C LEU D 289 23.52 -27.66 39.38
N GLU D 290 24.71 -27.05 39.50
CA GLU D 290 25.62 -26.92 38.38
C GLU D 290 26.34 -28.22 38.06
N HIS D 291 26.42 -29.16 39.00
CA HIS D 291 27.05 -30.44 38.73
C HIS D 291 26.14 -31.39 37.95
N HIS D 292 24.89 -31.02 37.72
CA HIS D 292 23.98 -31.83 36.93
C HIS D 292 24.47 -31.99 35.49
FE FE2 E . 20.46 11.51 18.32
FE FE2 F . -15.62 22.65 -1.98
FE FE2 G . -12.58 -14.97 -25.18
FE FE2 H . -13.84 -13.72 22.98
#